data_3T8I
#
_entry.id   3T8I
#
_cell.length_a   84.760
_cell.length_b   81.130
_cell.length_c   98.020
_cell.angle_alpha   90.000
_cell.angle_beta   100.700
_cell.angle_gamma   90.000
#
_symmetry.space_group_name_H-M   'P 1 21 1'
#
loop_
_entity.id
_entity.type
_entity.pdbx_description
1 polymer 'Purine nucleosidase, (IunH-2)'
2 non-polymer 'CALCIUM ION'
3 non-polymer GLYCEROL
4 non-polymer 1,2-ETHANEDIOL
5 non-polymer DI(HYDROXYETHYL)ETHER
6 water water
#
_entity_poly.entity_id   1
_entity_poly.type   'polypeptide(L)'
_entity_poly.pdbx_seq_one_letter_code
;MRKVIVDSDTATDDTIAILLASRFFQLLGVTIVAGNVNYNQEVKNALFTLEYIGKQDVPVYLGSQRPILGNWRTVEEVHG
SNGMSNWNYPEPNKRPEKEHAIDAILRLSKEHEGELEILAISPLTNIALAYLKDPSVVKRVKKIWIMGGAFSKGNTTPIA
EFNFWVDPEAAKIVLDAGFDITIVPWEVAEISGSLNERDWEYISKLNTKLSNFFINVNKTLKEYTTKNQGISGSIHPDSL
TVSIAHDNSIILDSSLKYVDVELCSKSRGAMLIDWYSLHKNKPNAEIVLKADGGKFKNLLFNSLSQ
;
_entity_poly.pdbx_strand_id   A,B,C,D
#
# COMPACT_ATOMS: atom_id res chain seq x y z
N MET A 1 -15.74 -42.17 -12.26
CA MET A 1 -16.41 -40.97 -11.67
C MET A 1 -15.26 -40.14 -11.24
N ARG A 2 -15.37 -38.83 -11.47
CA ARG A 2 -14.29 -37.93 -11.10
C ARG A 2 -14.15 -37.87 -9.60
N LYS A 3 -12.95 -37.54 -9.17
CA LYS A 3 -12.61 -37.58 -7.76
C LYS A 3 -12.33 -36.17 -7.30
N VAL A 4 -12.96 -35.78 -6.19
CA VAL A 4 -12.85 -34.44 -5.65
C VAL A 4 -12.67 -34.38 -4.12
N ILE A 5 -12.02 -33.30 -3.68
CA ILE A 5 -12.04 -32.80 -2.32
CA ILE A 5 -12.13 -32.84 -2.31
C ILE A 5 -12.80 -31.47 -2.36
N VAL A 6 -13.61 -31.19 -1.36
CA VAL A 6 -14.30 -29.90 -1.18
C VAL A 6 -13.61 -29.16 0.00
N ASP A 7 -13.05 -27.99 -0.28
CA ASP A 7 -12.38 -27.14 0.73
C ASP A 7 -13.31 -25.99 1.07
N SER A 8 -13.81 -25.99 2.32
CA SER A 8 -15.02 -25.28 2.69
C SER A 8 -14.92 -24.57 4.05
N ASP A 9 -15.52 -23.39 4.11
CA ASP A 9 -15.71 -22.61 5.34
C ASP A 9 -17.19 -22.74 5.72
N THR A 10 -17.52 -23.92 6.22
CA THR A 10 -18.87 -24.49 6.00
C THR A 10 -20.02 -23.72 6.70
N ALA A 11 -20.83 -23.04 5.90
CA ALA A 11 -22.03 -22.31 6.37
C ALA A 11 -22.98 -22.30 5.16
N THR A 12 -24.28 -22.22 5.42
CA THR A 12 -25.32 -22.07 4.37
C THR A 12 -25.06 -22.73 3.00
N ASP A 13 -24.80 -21.94 1.96
CA ASP A 13 -24.63 -22.54 0.63
C ASP A 13 -23.47 -23.55 0.50
N ASP A 14 -22.45 -23.44 1.34
CA ASP A 14 -21.38 -24.48 1.38
C ASP A 14 -21.94 -25.90 1.60
N THR A 15 -22.98 -26.01 2.44
CA THR A 15 -23.53 -27.31 2.76
C THR A 15 -24.24 -27.88 1.52
N ILE A 16 -24.88 -27.00 0.74
CA ILE A 16 -25.57 -27.43 -0.49
C ILE A 16 -24.52 -27.84 -1.54
N ALA A 17 -23.40 -27.11 -1.58
CA ALA A 17 -22.31 -27.44 -2.47
C ALA A 17 -21.72 -28.83 -2.13
N ILE A 18 -21.54 -29.11 -0.83
CA ILE A 18 -21.08 -30.40 -0.34
C ILE A 18 -22.11 -31.51 -0.76
N LEU A 19 -23.39 -31.27 -0.55
CA LEU A 19 -24.46 -32.19 -1.06
C LEU A 19 -24.30 -32.51 -2.55
N LEU A 20 -24.33 -31.48 -3.39
CA LEU A 20 -24.15 -31.70 -4.83
C LEU A 20 -22.87 -32.43 -5.21
N ALA A 21 -21.76 -32.04 -4.57
CA ALA A 21 -20.51 -32.70 -4.85
C ALA A 21 -20.61 -34.21 -4.56
N SER A 22 -21.28 -34.57 -3.47
CA SER A 22 -21.35 -35.96 -3.02
C SER A 22 -22.21 -36.80 -3.98
N ARG A 23 -23.13 -36.15 -4.69
CA ARG A 23 -24.01 -36.83 -5.67
C ARG A 23 -23.34 -36.88 -7.03
N PHE A 24 -22.61 -35.83 -7.40
CA PHE A 24 -21.96 -35.76 -8.73
C PHE A 24 -20.62 -36.46 -8.85
N PHE A 25 -19.88 -36.57 -7.74
CA PHE A 25 -18.50 -37.00 -7.78
C PHE A 25 -18.22 -38.09 -6.73
N GLN A 26 -17.05 -38.70 -6.81
CA GLN A 26 -16.52 -39.48 -5.68
CA GLN A 26 -16.58 -39.46 -5.65
C GLN A 26 -15.94 -38.45 -4.71
N LEU A 27 -16.63 -38.17 -3.62
CA LEU A 27 -16.19 -37.14 -2.69
C LEU A 27 -15.19 -37.76 -1.71
N LEU A 28 -13.92 -37.45 -1.90
CA LEU A 28 -12.85 -38.10 -1.15
C LEU A 28 -12.67 -37.47 0.23
N GLY A 29 -13.24 -36.29 0.47
CA GLY A 29 -13.06 -35.65 1.74
C GLY A 29 -13.48 -34.20 1.70
N VAL A 30 -13.76 -33.68 2.88
CA VAL A 30 -14.05 -32.27 3.06
C VAL A 30 -13.00 -31.67 3.98
N THR A 31 -12.40 -30.58 3.53
CA THR A 31 -11.37 -29.92 4.37
C THR A 31 -11.98 -28.60 4.83
N ILE A 32 -11.64 -28.18 6.05
CA ILE A 32 -12.25 -27.03 6.67
C ILE A 32 -11.23 -25.91 6.81
N VAL A 33 -11.71 -24.70 6.54
CA VAL A 33 -10.90 -23.50 6.63
C VAL A 33 -11.65 -22.36 7.27
N ALA A 34 -10.93 -21.47 7.92
CA ALA A 34 -11.52 -20.22 8.42
C ALA A 34 -12.16 -19.38 7.32
N GLY A 35 -13.23 -18.71 7.67
CA GLY A 35 -13.95 -17.83 6.74
C GLY A 35 -15.29 -17.39 7.29
N ASN A 36 -16.35 -17.93 6.70
CA ASN A 36 -17.70 -17.48 6.94
C ASN A 36 -18.12 -17.26 8.40
N VAL A 37 -17.94 -18.29 9.22
CA VAL A 37 -18.39 -18.24 10.63
C VAL A 37 -17.31 -18.87 11.55
N ASN A 38 -17.55 -18.86 12.88
CA ASN A 38 -16.65 -19.46 13.86
C ASN A 38 -16.17 -20.83 13.36
N TYR A 39 -14.85 -21.05 13.40
CA TYR A 39 -14.24 -22.24 12.82
C TYR A 39 -14.80 -23.56 13.41
N ASN A 40 -14.90 -23.64 14.73
CA ASN A 40 -15.41 -24.84 15.37
C ASN A 40 -16.84 -25.11 14.95
N GLN A 41 -17.63 -24.06 14.75
CA GLN A 41 -19.01 -24.18 14.25
C GLN A 41 -19.00 -24.71 12.79
N GLU A 42 -18.07 -24.25 11.96
CA GLU A 42 -17.98 -24.73 10.60
C GLU A 42 -17.73 -26.23 10.56
N VAL A 43 -16.85 -26.72 11.43
CA VAL A 43 -16.56 -28.18 11.52
C VAL A 43 -17.84 -28.95 11.86
N LYS A 44 -18.53 -28.48 12.89
CA LYS A 44 -19.81 -29.09 13.30
C LYS A 44 -20.84 -29.10 12.14
N ASN A 45 -20.91 -28.00 11.38
CA ASN A 45 -21.80 -27.89 10.21
C ASN A 45 -21.45 -28.90 9.13
N ALA A 46 -20.16 -29.04 8.86
CA ALA A 46 -19.70 -30.03 7.89
C ALA A 46 -19.99 -31.45 8.37
N LEU A 47 -19.76 -31.72 9.65
CA LEU A 47 -20.04 -33.07 10.16
C LEU A 47 -21.53 -33.42 10.04
N PHE A 48 -22.38 -32.50 10.51
CA PHE A 48 -23.83 -32.61 10.43
C PHE A 48 -24.34 -32.78 8.99
N THR A 49 -23.83 -31.97 8.06
CA THR A 49 -24.26 -32.07 6.67
C THR A 49 -24.02 -33.45 6.13
N LEU A 50 -22.79 -33.94 6.28
CA LEU A 50 -22.42 -35.23 5.73
C LEU A 50 -23.22 -36.40 6.31
N GLU A 51 -23.46 -36.36 7.61
CA GLU A 51 -24.29 -37.38 8.25
C GLU A 51 -25.74 -37.29 7.72
N TYR A 52 -26.27 -36.07 7.68
CA TYR A 52 -27.68 -35.83 7.27
C TYR A 52 -27.95 -36.31 5.86
N ILE A 53 -27.00 -36.08 4.96
CA ILE A 53 -27.18 -36.45 3.54
C ILE A 53 -26.75 -37.87 3.21
N GLY A 54 -26.49 -38.71 4.20
CA GLY A 54 -26.15 -40.12 3.93
C GLY A 54 -24.74 -40.39 3.44
N LYS A 55 -23.83 -39.47 3.77
CA LYS A 55 -22.43 -39.59 3.39
C LYS A 55 -21.51 -39.53 4.62
N GLN A 56 -21.85 -40.31 5.65
CA GLN A 56 -21.17 -40.29 6.95
C GLN A 56 -19.77 -40.82 6.91
N ASP A 57 -19.42 -41.54 5.85
CA ASP A 57 -18.10 -42.06 5.73
C ASP A 57 -17.14 -41.17 4.94
N VAL A 58 -17.59 -40.00 4.47
CA VAL A 58 -16.67 -39.04 3.85
C VAL A 58 -15.88 -38.35 5.00
N PRO A 59 -14.56 -38.38 4.93
CA PRO A 59 -13.82 -37.82 6.09
C PRO A 59 -13.80 -36.30 6.09
N VAL A 60 -13.80 -35.73 7.29
CA VAL A 60 -13.61 -34.29 7.51
C VAL A 60 -12.21 -34.03 8.12
N TYR A 61 -11.41 -33.19 7.45
CA TYR A 61 -10.09 -32.85 7.92
C TYR A 61 -10.06 -31.35 8.32
N LEU A 62 -9.55 -31.10 9.50
CA LEU A 62 -9.38 -29.73 9.96
C LEU A 62 -8.13 -29.13 9.31
N GLY A 63 -8.32 -27.99 8.63
CA GLY A 63 -7.21 -27.20 8.12
C GLY A 63 -7.04 -25.93 8.97
N SER A 64 -6.49 -24.91 8.35
CA SER A 64 -6.13 -23.68 9.07
C SER A 64 -7.34 -22.95 9.67
N GLN A 65 -7.19 -22.55 10.93
CA GLN A 65 -8.24 -21.81 11.67
C GLN A 65 -8.10 -20.28 11.49
N ARG A 66 -7.25 -19.88 10.54
CA ARG A 66 -7.03 -18.51 10.21
C ARG A 66 -6.48 -18.43 8.81
N PRO A 67 -6.71 -17.31 8.15
CA PRO A 67 -5.92 -17.14 6.91
C PRO A 67 -4.43 -16.83 7.25
N ILE A 68 -3.60 -16.83 6.23
CA ILE A 68 -2.16 -16.74 6.40
C ILE A 68 -1.81 -15.57 7.33
N LEU A 69 -2.37 -14.39 7.09
CA LEU A 69 -2.08 -13.23 7.90
C LEU A 69 -3.05 -12.97 9.04
N GLY A 70 -4.08 -13.79 9.17
CA GLY A 70 -5.01 -13.75 10.28
C GLY A 70 -5.92 -12.53 10.30
N ASN A 71 -6.10 -11.88 9.16
CA ASN A 71 -6.92 -10.66 9.04
C ASN A 71 -8.22 -10.92 8.38
N TRP A 72 -9.29 -11.06 9.17
CA TRP A 72 -10.62 -11.21 8.57
C TRP A 72 -11.69 -10.95 9.59
N ARG A 73 -12.93 -11.04 9.16
N ARG A 73 -12.93 -10.98 9.12
CA ARG A 73 -14.03 -11.12 10.11
CA ARG A 73 -14.10 -11.04 9.99
C ARG A 73 -15.06 -12.10 9.56
C ARG A 73 -15.01 -12.18 9.54
N THR A 74 -15.78 -12.71 10.49
CA THR A 74 -16.87 -13.63 10.16
C THR A 74 -18.07 -12.81 9.71
N VAL A 75 -19.01 -13.44 9.00
CA VAL A 75 -20.17 -12.74 8.45
C VAL A 75 -21.48 -13.44 8.87
N GLU A 76 -21.71 -13.48 10.18
CA GLU A 76 -22.94 -14.02 10.79
C GLU A 76 -24.20 -13.32 10.30
N GLU A 77 -24.08 -12.09 9.81
CA GLU A 77 -25.24 -11.38 9.28
C GLU A 77 -25.78 -12.04 7.98
N VAL A 78 -24.93 -12.80 7.28
CA VAL A 78 -25.32 -13.47 6.03
C VAL A 78 -25.81 -14.88 6.34
N HIS A 79 -25.11 -15.58 7.23
CA HIS A 79 -25.25 -17.02 7.42
C HIS A 79 -25.95 -17.47 8.72
N GLY A 80 -26.28 -16.52 9.58
CA GLY A 80 -26.75 -16.81 10.95
C GLY A 80 -25.58 -17.04 11.88
N SER A 81 -25.81 -16.91 13.21
CA SER A 81 -24.73 -17.05 14.21
C SER A 81 -24.04 -18.38 14.13
N ASN A 82 -24.79 -19.43 13.79
CA ASN A 82 -24.21 -20.76 13.73
C ASN A 82 -23.85 -21.23 12.29
N GLY A 83 -23.98 -20.34 11.31
CA GLY A 83 -23.67 -20.64 9.92
C GLY A 83 -24.76 -21.48 9.26
N MET A 84 -25.84 -21.71 10.01
CA MET A 84 -27.01 -22.52 9.55
C MET A 84 -28.32 -21.82 9.82
N SER A 85 -28.31 -20.50 9.65
CA SER A 85 -29.50 -19.71 9.79
C SER A 85 -30.17 -19.93 11.17
N ASN A 86 -29.37 -20.27 12.17
CA ASN A 86 -29.86 -20.42 13.56
C ASN A 86 -30.78 -21.64 13.74
N TRP A 87 -30.69 -22.57 12.80
CA TRP A 87 -31.31 -23.88 12.97
C TRP A 87 -30.58 -24.61 14.07
N ASN A 88 -31.24 -24.85 15.21
CA ASN A 88 -30.60 -25.60 16.29
C ASN A 88 -30.70 -27.08 16.03
N TYR A 89 -29.87 -27.54 15.10
CA TYR A 89 -29.94 -28.89 14.58
C TYR A 89 -29.37 -29.91 15.57
N PRO A 90 -29.77 -31.18 15.44
CA PRO A 90 -29.27 -32.12 16.42
C PRO A 90 -27.82 -32.51 16.25
N GLU A 91 -27.14 -32.72 17.37
CA GLU A 91 -25.72 -33.04 17.31
C GLU A 91 -25.50 -34.38 16.58
N PRO A 92 -24.61 -34.39 15.58
CA PRO A 92 -24.36 -35.67 14.91
C PRO A 92 -23.33 -36.45 15.68
N ASN A 93 -23.29 -37.76 15.48
CA ASN A 93 -22.23 -38.50 16.15
C ASN A 93 -20.92 -38.54 15.35
N LYS A 94 -20.93 -38.25 14.03
CA LYS A 94 -19.68 -38.23 13.24
C LYS A 94 -18.66 -37.26 13.82
N ARG A 95 -17.42 -37.72 13.86
CA ARG A 95 -16.28 -36.94 14.32
C ARG A 95 -15.33 -36.64 13.16
N PRO A 96 -14.51 -35.60 13.31
CA PRO A 96 -13.52 -35.35 12.27
C PRO A 96 -12.34 -36.29 12.41
N GLU A 97 -11.54 -36.37 11.36
CA GLU A 97 -10.32 -37.13 11.39
C GLU A 97 -9.25 -36.37 12.15
N LYS A 98 -8.22 -37.12 12.52
CA LYS A 98 -7.08 -36.53 13.22
C LYS A 98 -6.13 -35.80 12.31
N GLU A 99 -5.86 -36.41 11.15
CA GLU A 99 -4.95 -35.90 10.13
C GLU A 99 -5.30 -34.48 9.69
N HIS A 100 -4.29 -33.63 9.64
CA HIS A 100 -4.53 -32.23 9.25
C HIS A 100 -4.88 -32.14 7.75
N ALA A 101 -5.71 -31.15 7.40
CA ALA A 101 -6.14 -30.95 6.01
C ALA A 101 -4.97 -30.81 5.06
N ILE A 102 -3.88 -30.16 5.47
CA ILE A 102 -2.74 -29.98 4.57
C ILE A 102 -2.10 -31.34 4.25
N ASP A 103 -1.92 -32.15 5.28
CA ASP A 103 -1.38 -33.49 5.11
C ASP A 103 -2.32 -34.39 4.26
N ALA A 104 -3.63 -34.27 4.46
CA ALA A 104 -4.61 -35.06 3.69
C ALA A 104 -4.64 -34.67 2.23
N ILE A 105 -4.60 -33.37 1.97
CA ILE A 105 -4.55 -32.88 0.59
C ILE A 105 -3.29 -33.43 -0.13
N LEU A 106 -2.12 -33.38 0.51
CA LEU A 106 -0.90 -33.85 -0.11
C LEU A 106 -0.93 -35.37 -0.30
N ARG A 107 -1.34 -36.11 0.74
CA ARG A 107 -1.47 -37.58 0.64
C ARG A 107 -2.44 -37.98 -0.49
N LEU A 108 -3.61 -37.35 -0.53
CA LEU A 108 -4.61 -37.67 -1.53
C LEU A 108 -4.14 -37.31 -2.95
N SER A 109 -3.31 -36.26 -3.09
CA SER A 109 -2.69 -35.92 -4.34
C SER A 109 -1.76 -36.99 -4.89
N LYS A 110 -1.18 -37.80 -4.01
CA LYS A 110 -0.36 -38.92 -4.42
C LYS A 110 -1.21 -40.18 -4.67
N GLU A 111 -2.15 -40.49 -3.79
CA GLU A 111 -3.00 -41.68 -3.97
C GLU A 111 -3.84 -41.56 -5.22
N HIS A 112 -4.22 -40.33 -5.56
CA HIS A 112 -5.07 -40.05 -6.73
C HIS A 112 -4.39 -39.17 -7.76
N GLU A 113 -3.07 -39.33 -7.89
CA GLU A 113 -2.25 -38.54 -8.79
C GLU A 113 -2.82 -38.46 -10.20
N GLY A 114 -2.95 -37.23 -10.70
CA GLY A 114 -3.46 -36.97 -12.02
C GLY A 114 -4.98 -36.97 -12.17
N GLU A 115 -5.69 -37.41 -11.15
CA GLU A 115 -7.15 -37.41 -11.15
C GLU A 115 -7.78 -36.43 -10.13
N LEU A 116 -7.12 -36.18 -9.03
CA LEU A 116 -7.71 -35.37 -7.95
C LEU A 116 -8.08 -33.94 -8.41
N GLU A 117 -9.32 -33.56 -8.19
CA GLU A 117 -9.78 -32.18 -8.42
C GLU A 117 -10.21 -31.57 -7.10
N ILE A 118 -9.99 -30.26 -6.99
CA ILE A 118 -10.29 -29.54 -5.80
C ILE A 118 -11.40 -28.55 -6.13
N LEU A 119 -12.43 -28.64 -5.31
CA LEU A 119 -13.55 -27.74 -5.33
C LEU A 119 -13.28 -26.75 -4.17
N ALA A 120 -12.71 -25.63 -4.55
CA ALA A 120 -12.26 -24.58 -3.65
C ALA A 120 -13.32 -23.52 -3.50
N ILE A 121 -14.17 -23.71 -2.49
CA ILE A 121 -15.35 -22.88 -2.30
C ILE A 121 -15.25 -22.01 -1.03
N SER A 122 -14.05 -21.50 -0.79
CA SER A 122 -13.66 -20.91 0.46
C SER A 122 -12.37 -20.10 0.28
N PRO A 123 -12.00 -19.32 1.31
CA PRO A 123 -10.66 -18.79 1.22
C PRO A 123 -9.61 -19.90 1.01
N LEU A 124 -8.55 -19.59 0.29
CA LEU A 124 -7.69 -20.61 -0.36
C LEU A 124 -6.46 -21.08 0.52
N THR A 125 -6.51 -20.71 1.79
CA THR A 125 -5.44 -20.94 2.77
C THR A 125 -4.86 -22.36 2.78
N ASN A 126 -5.72 -23.38 2.89
CA ASN A 126 -5.25 -24.75 2.91
C ASN A 126 -4.49 -25.16 1.67
N ILE A 127 -4.99 -24.73 0.51
CA ILE A 127 -4.33 -25.08 -0.75
C ILE A 127 -2.98 -24.35 -0.88
N ALA A 128 -2.94 -23.07 -0.53
CA ALA A 128 -1.70 -22.31 -0.55
C ALA A 128 -0.70 -22.97 0.38
N LEU A 129 -1.13 -23.36 1.58
CA LEU A 129 -0.16 -23.92 2.56
C LEU A 129 0.32 -25.32 2.16
N ALA A 130 -0.54 -26.09 1.51
CA ALA A 130 -0.13 -27.41 0.97
C ALA A 130 0.93 -27.23 -0.11
N TYR A 131 0.71 -26.26 -0.99
CA TYR A 131 1.63 -25.93 -2.04
C TYR A 131 2.99 -25.49 -1.48
N LEU A 132 3.00 -24.64 -0.47
CA LEU A 132 4.28 -24.15 0.09
C LEU A 132 5.01 -25.29 0.81
N LYS A 133 4.28 -26.21 1.44
CA LYS A 133 4.90 -27.40 2.03
C LYS A 133 5.51 -28.33 0.97
N ASP A 134 4.83 -28.51 -0.17
CA ASP A 134 5.28 -29.42 -1.25
C ASP A 134 4.85 -28.95 -2.63
N PRO A 135 5.65 -28.09 -3.25
CA PRO A 135 5.26 -27.46 -4.50
C PRO A 135 5.06 -28.45 -5.66
N SER A 136 5.58 -29.68 -5.53
CA SER A 136 5.30 -30.74 -6.56
C SER A 136 3.84 -31.15 -6.62
N VAL A 137 3.02 -30.75 -5.65
CA VAL A 137 1.56 -30.99 -5.74
C VAL A 137 0.96 -30.50 -7.07
N VAL A 138 1.55 -29.49 -7.71
CA VAL A 138 1.00 -28.99 -8.98
C VAL A 138 1.16 -30.07 -10.09
N LYS A 139 2.04 -31.03 -9.90
CA LYS A 139 2.18 -32.11 -10.88
C LYS A 139 1.15 -33.20 -10.72
N ARG A 140 0.36 -33.14 -9.64
CA ARG A 140 -0.46 -34.25 -9.20
C ARG A 140 -1.96 -33.91 -9.18
N VAL A 141 -2.28 -32.65 -8.93
CA VAL A 141 -3.68 -32.13 -8.99
C VAL A 141 -4.12 -31.91 -10.45
N LYS A 142 -5.24 -32.51 -10.82
CA LYS A 142 -5.75 -32.37 -12.16
C LYS A 142 -6.29 -30.96 -12.41
N LYS A 143 -7.03 -30.46 -11.44
CA LYS A 143 -7.83 -29.23 -11.67
C LYS A 143 -8.24 -28.61 -10.35
N ILE A 144 -8.21 -27.29 -10.27
CA ILE A 144 -8.87 -26.56 -9.18
C ILE A 144 -10.01 -25.68 -9.74
N TRP A 145 -11.20 -25.85 -9.18
CA TRP A 145 -12.36 -24.99 -9.45
C TRP A 145 -12.52 -24.04 -8.26
N ILE A 146 -12.38 -22.73 -8.52
CA ILE A 146 -12.37 -21.72 -7.49
C ILE A 146 -13.59 -20.84 -7.59
N MET A 147 -14.32 -20.72 -6.48
CA MET A 147 -15.30 -19.67 -6.29
C MET A 147 -14.56 -18.51 -5.61
N GLY A 148 -14.47 -17.41 -6.32
CA GLY A 148 -13.79 -16.25 -5.77
C GLY A 148 -13.67 -15.10 -6.74
N GLY A 149 -13.41 -13.92 -6.18
CA GLY A 149 -13.15 -12.71 -6.91
C GLY A 149 -14.40 -12.03 -7.42
N ALA A 150 -14.22 -10.78 -7.84
CA ALA A 150 -15.27 -9.98 -8.47
C ALA A 150 -14.62 -9.05 -9.47
N PHE A 151 -15.35 -8.73 -10.53
CA PHE A 151 -14.84 -7.77 -11.50
C PHE A 151 -14.85 -6.36 -10.91
N SER A 152 -16.01 -5.97 -10.33
CA SER A 152 -16.20 -4.64 -9.76
C SER A 152 -17.05 -4.70 -8.49
N LYS A 153 -18.03 -5.61 -8.42
CA LYS A 153 -19.08 -5.63 -7.37
C LYS A 153 -18.59 -6.44 -6.16
N GLY A 154 -17.68 -5.83 -5.39
CA GLY A 154 -17.19 -6.43 -4.19
C GLY A 154 -18.36 -6.62 -3.22
N ASN A 155 -18.45 -7.80 -2.64
CA ASN A 155 -19.53 -8.08 -1.66
C ASN A 155 -19.08 -7.95 -0.23
N THR A 156 -17.81 -7.61 -0.05
CA THR A 156 -17.23 -7.51 1.27
C THR A 156 -16.59 -6.13 1.50
N THR A 157 -15.83 -5.69 0.50
CA THR A 157 -15.37 -4.31 0.38
C THR A 157 -15.98 -3.82 -0.92
N PRO A 158 -15.85 -2.52 -1.20
CA PRO A 158 -16.35 -2.02 -2.47
C PRO A 158 -15.89 -2.83 -3.71
N ILE A 159 -14.63 -3.23 -3.70
CA ILE A 159 -13.99 -4.00 -4.79
C ILE A 159 -13.78 -5.50 -4.53
N ALA A 160 -13.66 -5.94 -3.28
CA ALA A 160 -13.25 -7.33 -2.97
C ALA A 160 -14.41 -8.24 -2.59
N GLU A 161 -14.34 -9.44 -3.17
CA GLU A 161 -15.18 -10.57 -2.88
C GLU A 161 -14.61 -11.28 -1.65
N PHE A 162 -15.50 -11.94 -0.90
CA PHE A 162 -15.19 -12.46 0.43
C PHE A 162 -14.00 -13.41 0.50
N ASN A 163 -14.01 -14.45 -0.32
CA ASN A 163 -12.95 -15.46 -0.27
C ASN A 163 -11.58 -14.85 -0.55
N PHE A 164 -11.51 -14.03 -1.58
CA PHE A 164 -10.24 -13.39 -1.93
C PHE A 164 -9.85 -12.37 -0.85
N TRP A 165 -10.84 -11.68 -0.27
CA TRP A 165 -10.58 -10.72 0.83
C TRP A 165 -10.01 -11.32 2.12
N VAL A 166 -10.56 -12.46 2.53
CA VAL A 166 -10.12 -13.16 3.71
C VAL A 166 -8.66 -13.56 3.61
N ASP A 167 -8.25 -14.13 2.48
CA ASP A 167 -6.84 -14.59 2.33
C ASP A 167 -6.29 -14.25 0.93
N PRO A 168 -5.98 -12.98 0.73
CA PRO A 168 -5.50 -12.60 -0.57
C PRO A 168 -4.12 -13.18 -0.81
N GLU A 169 -3.31 -13.31 0.24
CA GLU A 169 -2.00 -13.96 0.11
C GLU A 169 -2.14 -15.37 -0.47
N ALA A 170 -3.06 -16.15 0.11
CA ALA A 170 -3.28 -17.52 -0.37
C ALA A 170 -3.77 -17.56 -1.80
N ALA A 171 -4.69 -16.67 -2.13
CA ALA A 171 -5.14 -16.57 -3.52
C ALA A 171 -4.00 -16.32 -4.51
N LYS A 172 -3.15 -15.39 -4.18
CA LYS A 172 -1.98 -15.08 -5.02
C LYS A 172 -1.08 -16.27 -5.18
N ILE A 173 -0.80 -16.95 -4.07
CA ILE A 173 0.01 -18.17 -4.11
C ILE A 173 -0.59 -19.25 -5.01
N VAL A 174 -1.87 -19.52 -4.84
CA VAL A 174 -2.54 -20.57 -5.62
C VAL A 174 -2.57 -20.19 -7.13
N LEU A 175 -2.82 -18.91 -7.45
CA LEU A 175 -2.92 -18.46 -8.86
C LEU A 175 -1.60 -18.53 -9.63
N ASP A 176 -0.46 -18.40 -8.95
CA ASP A 176 0.86 -18.41 -9.56
C ASP A 176 1.63 -19.74 -9.40
N ALA A 177 1.05 -20.71 -8.71
CA ALA A 177 1.71 -22.04 -8.48
C ALA A 177 1.86 -22.87 -9.74
N GLY A 178 0.93 -22.74 -10.69
CA GLY A 178 0.90 -23.54 -11.94
C GLY A 178 -0.13 -24.66 -11.98
N PHE A 179 -1.20 -24.51 -11.19
CA PHE A 179 -2.37 -25.39 -11.32
C PHE A 179 -3.18 -25.05 -12.56
N ASP A 180 -4.02 -26.01 -12.98
CA ASP A 180 -5.04 -25.75 -14.01
C ASP A 180 -6.27 -25.23 -13.25
N ILE A 181 -6.67 -23.97 -13.51
CA ILE A 181 -7.60 -23.25 -12.64
C ILE A 181 -8.74 -22.69 -13.50
N THR A 182 -9.95 -22.93 -13.05
CA THR A 182 -11.16 -22.19 -13.51
C THR A 182 -11.77 -21.44 -12.35
N ILE A 183 -12.01 -20.15 -12.55
CA ILE A 183 -12.58 -19.25 -11.51
C ILE A 183 -14.00 -18.85 -11.87
N VAL A 184 -14.93 -19.07 -10.94
CA VAL A 184 -16.31 -18.57 -11.00
C VAL A 184 -16.39 -17.32 -10.11
N PRO A 185 -16.47 -16.13 -10.72
CA PRO A 185 -16.50 -14.90 -9.95
C PRO A 185 -17.88 -14.52 -9.42
N TRP A 186 -17.87 -13.58 -8.50
CA TRP A 186 -19.08 -13.16 -7.84
C TRP A 186 -20.18 -12.71 -8.79
N GLU A 187 -19.86 -11.85 -9.76
CA GLU A 187 -20.93 -11.34 -10.64
C GLU A 187 -21.69 -12.48 -11.38
N VAL A 188 -20.95 -13.53 -11.75
CA VAL A 188 -21.56 -14.70 -12.42
C VAL A 188 -22.48 -15.47 -11.47
N ALA A 189 -22.07 -15.61 -10.20
CA ALA A 189 -22.93 -16.20 -9.19
C ALA A 189 -24.19 -15.39 -8.92
N GLU A 190 -24.04 -14.08 -8.83
CA GLU A 190 -25.11 -13.21 -8.58
C GLU A 190 -26.20 -13.34 -9.64
N ILE A 191 -25.77 -13.52 -10.89
CA ILE A 191 -26.72 -13.65 -12.04
C ILE A 191 -27.22 -15.09 -12.13
N SER A 192 -26.30 -16.05 -12.21
CA SER A 192 -26.65 -17.42 -12.62
C SER A 192 -26.79 -18.41 -11.49
N GLY A 193 -26.38 -17.99 -10.30
CA GLY A 193 -26.51 -18.79 -9.11
C GLY A 193 -27.63 -18.30 -8.20
N SER A 194 -28.54 -17.50 -8.73
CA SER A 194 -29.58 -16.92 -7.92
C SER A 194 -30.83 -17.77 -8.04
N LEU A 195 -31.63 -17.74 -6.97
CA LEU A 195 -32.97 -18.31 -6.93
C LEU A 195 -33.95 -17.16 -6.64
N ASN A 196 -35.11 -17.18 -7.29
CA ASN A 196 -36.15 -16.19 -7.07
C ASN A 196 -37.24 -16.70 -6.12
N GLU A 197 -38.22 -15.88 -5.85
CA GLU A 197 -39.29 -16.27 -4.91
C GLU A 197 -40.07 -17.51 -5.37
N ARG A 198 -40.32 -17.60 -6.68
CA ARG A 198 -41.07 -18.75 -7.27
C ARG A 198 -40.25 -20.04 -7.13
N ASP A 199 -38.93 -19.90 -7.24
CA ASP A 199 -38.02 -21.04 -7.02
C ASP A 199 -38.08 -21.55 -5.58
N TRP A 200 -38.10 -20.60 -4.63
CA TRP A 200 -38.26 -20.93 -3.20
C TRP A 200 -39.66 -21.53 -2.90
N GLU A 201 -40.70 -20.99 -3.55
CA GLU A 201 -42.05 -21.54 -3.47
C GLU A 201 -42.00 -23.05 -3.80
N TYR A 202 -41.33 -23.38 -4.90
CA TYR A 202 -41.23 -24.75 -5.40
C TYR A 202 -40.48 -25.60 -4.42
N ILE A 203 -39.26 -25.19 -4.06
CA ILE A 203 -38.46 -25.95 -3.11
C ILE A 203 -39.20 -26.22 -1.82
N SER A 204 -39.89 -25.21 -1.27
CA SER A 204 -40.55 -25.42 0.00
C SER A 204 -41.76 -26.39 -0.08
N LYS A 205 -42.28 -26.66 -1.27
CA LYS A 205 -43.39 -27.67 -1.42
C LYS A 205 -42.90 -29.08 -1.72
N LEU A 206 -41.63 -29.24 -2.02
CA LEU A 206 -41.11 -30.56 -2.33
C LEU A 206 -41.23 -31.53 -1.15
N ASN A 207 -41.05 -31.01 0.05
CA ASN A 207 -41.12 -31.82 1.27
C ASN A 207 -40.30 -33.12 1.23
N THR A 208 -39.05 -33.03 0.81
CA THR A 208 -38.15 -34.14 0.90
C THR A 208 -37.19 -33.86 2.05
N LYS A 209 -36.37 -34.85 2.40
CA LYS A 209 -35.36 -34.70 3.45
C LYS A 209 -34.40 -33.56 3.04
N LEU A 210 -33.93 -33.61 1.81
CA LEU A 210 -32.98 -32.61 1.28
C LEU A 210 -33.59 -31.22 1.09
N SER A 211 -34.82 -31.15 0.60
CA SER A 211 -35.46 -29.85 0.43
C SER A 211 -35.71 -29.14 1.76
N ASN A 212 -36.13 -29.89 2.79
CA ASN A 212 -36.31 -29.31 4.10
C ASN A 212 -34.95 -28.78 4.63
N PHE A 213 -33.90 -29.55 4.42
CA PHE A 213 -32.52 -29.13 4.79
C PHE A 213 -32.17 -27.81 4.11
N PHE A 214 -32.41 -27.70 2.79
CA PHE A 214 -32.14 -26.48 2.03
C PHE A 214 -32.85 -25.27 2.61
N ILE A 215 -34.15 -25.43 2.89
CA ILE A 215 -34.96 -24.33 3.44
C ILE A 215 -34.47 -23.87 4.82
N ASN A 216 -34.16 -24.84 5.67
CA ASN A 216 -33.70 -24.60 7.05
C ASN A 216 -32.33 -23.90 7.07
N VAL A 217 -31.38 -24.40 6.28
CA VAL A 217 -29.99 -23.88 6.35
C VAL A 217 -29.83 -22.53 5.68
N ASN A 218 -30.67 -22.22 4.70
CA ASN A 218 -30.49 -21.00 3.88
C ASN A 218 -31.41 -19.84 4.19
N LYS A 219 -32.19 -19.94 5.25
CA LYS A 219 -33.15 -18.88 5.57
C LYS A 219 -32.47 -17.50 5.71
N THR A 220 -31.32 -17.46 6.39
CA THR A 220 -30.69 -16.15 6.63
C THR A 220 -30.03 -15.59 5.38
N LEU A 221 -29.47 -16.50 4.59
CA LEU A 221 -28.89 -16.13 3.29
C LEU A 221 -29.96 -15.50 2.38
N LYS A 222 -31.19 -16.02 2.41
CA LYS A 222 -32.29 -15.39 1.64
C LYS A 222 -32.64 -14.00 2.20
N GLU A 223 -32.76 -13.87 3.53
CA GLU A 223 -33.00 -12.55 4.16
C GLU A 223 -31.95 -11.51 3.77
N TYR A 224 -30.68 -11.92 3.84
CA TYR A 224 -29.57 -11.04 3.50
C TYR A 224 -29.56 -10.63 2.03
N THR A 225 -29.68 -11.62 1.14
CA THR A 225 -29.73 -11.37 -0.30
C THR A 225 -30.88 -10.45 -0.68
N THR A 226 -32.05 -10.68 -0.10
CA THR A 226 -33.24 -9.89 -0.41
C THR A 226 -33.05 -8.41 -0.01
N LYS A 227 -32.43 -8.19 1.16
CA LYS A 227 -32.09 -6.85 1.60
C LYS A 227 -31.08 -6.18 0.63
N ASN A 228 -30.01 -6.88 0.29
CA ASN A 228 -28.97 -6.30 -0.59
C ASN A 228 -29.24 -6.24 -2.09
N GLN A 229 -30.14 -7.09 -2.61
CA GLN A 229 -30.54 -7.08 -4.05
C GLN A 229 -31.81 -6.27 -4.31
N GLY A 230 -32.59 -5.99 -3.26
CA GLY A 230 -33.87 -5.28 -3.42
C GLY A 230 -35.00 -6.14 -3.99
N ILE A 231 -34.79 -7.44 -4.12
CA ILE A 231 -35.86 -8.37 -4.53
C ILE A 231 -35.63 -9.75 -3.95
N SER A 232 -36.74 -10.40 -3.59
CA SER A 232 -36.72 -11.68 -2.88
C SER A 232 -35.93 -12.74 -3.65
N GLY A 233 -34.94 -13.28 -2.97
CA GLY A 233 -34.26 -14.48 -3.46
C GLY A 233 -32.98 -14.74 -2.70
N SER A 234 -32.18 -15.61 -3.26
CA SER A 234 -30.91 -15.96 -2.66
C SER A 234 -29.85 -16.23 -3.73
N ILE A 235 -28.56 -16.17 -3.34
CA ILE A 235 -27.46 -16.37 -4.29
C ILE A 235 -26.61 -17.50 -3.75
N HIS A 236 -26.23 -18.41 -4.66
CA HIS A 236 -25.64 -19.69 -4.32
C HIS A 236 -24.33 -19.92 -5.06
N PRO A 237 -23.26 -19.14 -4.68
CA PRO A 237 -22.06 -19.21 -5.45
C PRO A 237 -21.36 -20.56 -5.40
N ASP A 238 -21.39 -21.23 -4.26
CA ASP A 238 -20.63 -22.49 -4.14
C ASP A 238 -21.32 -23.63 -4.86
N SER A 239 -22.65 -23.69 -4.73
CA SER A 239 -23.45 -24.70 -5.44
C SER A 239 -23.28 -24.51 -6.95
N LEU A 240 -23.25 -23.25 -7.41
CA LEU A 240 -23.03 -22.97 -8.86
C LEU A 240 -21.66 -23.43 -9.29
N THR A 241 -20.65 -23.16 -8.46
CA THR A 241 -19.28 -23.61 -8.81
C THR A 241 -19.20 -25.13 -8.90
N VAL A 242 -19.82 -25.83 -7.95
CA VAL A 242 -19.75 -27.35 -7.96
C VAL A 242 -20.50 -27.87 -9.20
N SER A 243 -21.60 -27.19 -9.52
CA SER A 243 -22.42 -27.54 -10.69
C SER A 243 -21.67 -27.31 -12.02
N ILE A 244 -20.96 -26.18 -12.16
CA ILE A 244 -20.10 -25.94 -13.31
C ILE A 244 -19.00 -27.02 -13.45
N ALA A 245 -18.39 -27.38 -12.32
CA ALA A 245 -17.33 -28.39 -12.34
C ALA A 245 -17.89 -29.70 -12.94
N HIS A 246 -19.11 -29.99 -12.53
CA HIS A 246 -19.79 -31.24 -12.92
C HIS A 246 -20.22 -31.20 -14.37
N ASP A 247 -20.88 -30.11 -14.75
CA ASP A 247 -21.42 -29.93 -16.10
C ASP A 247 -20.86 -28.64 -16.64
N ASN A 248 -19.76 -28.78 -17.38
CA ASN A 248 -19.02 -27.67 -17.95
C ASN A 248 -19.81 -26.89 -19.01
N SER A 249 -20.89 -27.47 -19.53
CA SER A 249 -21.73 -26.73 -20.51
C SER A 249 -22.50 -25.59 -19.84
N ILE A 250 -22.48 -25.55 -18.50
CA ILE A 250 -23.08 -24.45 -17.76
C ILE A 250 -22.20 -23.20 -18.02
N ILE A 251 -20.91 -23.35 -18.33
CA ILE A 251 -20.09 -22.21 -18.81
C ILE A 251 -20.53 -21.84 -20.23
N LEU A 252 -21.07 -20.64 -20.39
CA LEU A 252 -21.50 -20.14 -21.70
C LEU A 252 -20.42 -19.28 -22.35
N ASP A 253 -19.60 -18.58 -21.54
CA ASP A 253 -18.51 -17.79 -22.04
C ASP A 253 -17.42 -17.74 -20.96
N SER A 254 -16.17 -17.75 -21.37
CA SER A 254 -15.03 -17.70 -20.43
C SER A 254 -13.81 -17.28 -21.21
N SER A 255 -12.75 -16.93 -20.50
CA SER A 255 -11.54 -16.49 -21.16
C SER A 255 -10.34 -16.91 -20.34
N LEU A 256 -9.27 -17.32 -21.02
CA LEU A 256 -8.00 -17.58 -20.35
C LEU A 256 -7.24 -16.24 -20.20
N LYS A 257 -7.04 -15.80 -18.95
CA LYS A 257 -6.45 -14.49 -18.62
C LYS A 257 -5.37 -14.56 -17.55
N TYR A 258 -4.53 -13.51 -17.47
CA TYR A 258 -3.65 -13.35 -16.36
C TYR A 258 -4.43 -12.66 -15.24
N VAL A 259 -4.55 -13.37 -14.14
CA VAL A 259 -5.26 -12.89 -12.96
C VAL A 259 -4.30 -12.70 -11.76
N ASP A 260 -4.42 -11.54 -11.12
CA ASP A 260 -3.59 -11.16 -9.99
C ASP A 260 -4.52 -10.77 -8.82
N VAL A 261 -3.97 -10.72 -7.61
CA VAL A 261 -4.75 -10.30 -6.43
C VAL A 261 -3.98 -9.22 -5.68
N GLU A 262 -4.65 -8.10 -5.43
CA GLU A 262 -4.11 -7.01 -4.61
C GLU A 262 -4.02 -7.43 -3.13
N LEU A 263 -2.87 -7.17 -2.50
CA LEU A 263 -2.66 -7.51 -1.10
C LEU A 263 -2.71 -6.28 -0.18
N CYS A 264 -2.68 -5.08 -0.76
CA CYS A 264 -2.46 -3.85 0.00
C CYS A 264 -3.59 -2.82 -0.10
N SER A 265 -3.70 -1.98 0.93
CA SER A 265 -4.49 -0.73 0.89
C SER A 265 -6.00 -1.03 0.79
N LYS A 266 -6.79 -0.04 0.39
CA LYS A 266 -8.26 -0.16 0.39
C LYS A 266 -8.68 -1.25 -0.59
N SER A 267 -7.85 -1.57 -1.57
CA SER A 267 -8.18 -2.54 -2.63
C SER A 267 -7.78 -3.97 -2.28
N ARG A 268 -7.32 -4.19 -1.04
CA ARG A 268 -6.91 -5.52 -0.57
C ARG A 268 -7.98 -6.55 -0.90
N GLY A 269 -7.59 -7.59 -1.60
CA GLY A 269 -8.55 -8.63 -2.06
C GLY A 269 -9.02 -8.51 -3.50
N ALA A 270 -8.77 -7.36 -4.12
CA ALA A 270 -9.26 -7.10 -5.49
C ALA A 270 -8.65 -8.09 -6.48
N MET A 271 -9.51 -8.59 -7.36
CA MET A 271 -9.09 -9.40 -8.51
C MET A 271 -8.71 -8.50 -9.68
N LEU A 272 -7.44 -8.58 -10.09
CA LEU A 272 -6.90 -7.73 -11.14
C LEU A 272 -6.67 -8.55 -12.40
N ILE A 273 -7.32 -8.16 -13.50
CA ILE A 273 -7.29 -8.97 -14.71
C ILE A 273 -6.67 -8.22 -15.88
N ASP A 274 -5.68 -8.83 -16.54
CA ASP A 274 -5.02 -8.16 -17.69
C ASP A 274 -5.86 -8.40 -18.98
N TRP A 275 -6.98 -7.68 -19.05
CA TRP A 275 -8.01 -7.93 -20.08
C TRP A 275 -7.47 -7.76 -21.51
N TYR A 276 -6.64 -6.77 -21.72
CA TYR A 276 -6.07 -6.46 -23.07
C TYR A 276 -4.71 -7.09 -23.29
N SER A 277 -4.26 -7.92 -22.35
CA SER A 277 -2.94 -8.62 -22.48
C SER A 277 -1.83 -7.64 -22.72
N LEU A 278 -1.85 -6.55 -21.96
CA LEU A 278 -0.88 -5.51 -22.11
C LEU A 278 0.33 -5.59 -21.18
N HIS A 279 0.36 -6.57 -20.25
CA HIS A 279 1.34 -6.52 -19.19
C HIS A 279 2.32 -7.68 -19.01
N LYS A 280 2.46 -8.50 -20.01
CA LYS A 280 3.64 -9.39 -20.01
C LYS A 280 3.70 -10.50 -18.94
N ASN A 281 2.62 -10.75 -18.17
CA ASN A 281 2.50 -12.02 -17.43
C ASN A 281 1.55 -12.92 -18.24
N LYS A 282 1.99 -14.14 -18.55
CA LYS A 282 1.11 -15.09 -19.28
C LYS A 282 -0.11 -15.49 -18.45
N PRO A 283 -1.21 -15.82 -19.14
CA PRO A 283 -2.44 -16.25 -18.47
C PRO A 283 -2.23 -17.44 -17.52
N ASN A 284 -2.95 -17.36 -16.41
CA ASN A 284 -2.88 -18.38 -15.35
C ASN A 284 -4.23 -18.96 -14.90
N ALA A 285 -5.36 -18.47 -15.42
CA ALA A 285 -6.66 -19.01 -15.08
C ALA A 285 -7.68 -18.76 -16.13
N GLU A 286 -8.62 -19.69 -16.25
CA GLU A 286 -9.87 -19.51 -17.02
CA GLU A 286 -9.86 -19.46 -17.03
C GLU A 286 -10.88 -18.78 -16.14
N ILE A 287 -11.35 -17.62 -16.57
CA ILE A 287 -12.33 -16.84 -15.83
CA ILE A 287 -12.31 -16.87 -15.81
C ILE A 287 -13.66 -17.08 -16.49
N VAL A 288 -14.63 -17.59 -15.73
CA VAL A 288 -16.00 -17.73 -16.27
C VAL A 288 -16.66 -16.35 -16.35
N LEU A 289 -17.19 -16.03 -17.53
CA LEU A 289 -17.83 -14.74 -17.78
C LEU A 289 -19.34 -14.78 -17.87
N LYS A 290 -19.90 -15.90 -18.30
CA LYS A 290 -21.34 -16.05 -18.38
C LYS A 290 -21.68 -17.52 -18.12
N ALA A 291 -22.73 -17.77 -17.34
CA ALA A 291 -23.17 -19.13 -17.01
C ALA A 291 -24.68 -19.33 -17.35
N ASP A 292 -25.04 -20.60 -17.45
CA ASP A 292 -26.44 -20.99 -17.76
C ASP A 292 -27.23 -21.24 -16.48
N GLY A 293 -27.86 -20.18 -15.99
CA GLY A 293 -28.62 -20.24 -14.75
C GLY A 293 -29.76 -21.24 -14.72
N GLY A 294 -30.45 -21.35 -15.85
CA GLY A 294 -31.52 -22.33 -16.04
C GLY A 294 -31.05 -23.74 -15.85
N LYS A 295 -29.91 -24.07 -16.43
CA LYS A 295 -29.33 -25.38 -16.31
C LYS A 295 -28.90 -25.66 -14.87
N PHE A 296 -28.39 -24.62 -14.18
CA PHE A 296 -28.10 -24.71 -12.74
C PHE A 296 -29.31 -24.96 -11.87
N LYS A 297 -30.35 -24.15 -12.07
CA LYS A 297 -31.61 -24.31 -11.33
C LYS A 297 -32.12 -25.75 -11.52
N ASN A 298 -32.08 -26.27 -12.74
CA ASN A 298 -32.67 -27.58 -13.02
CA ASN A 298 -32.69 -27.58 -13.00
C ASN A 298 -31.90 -28.69 -12.31
N LEU A 299 -30.59 -28.56 -12.28
CA LEU A 299 -29.73 -29.47 -11.56
C LEU A 299 -30.03 -29.42 -10.04
N LEU A 300 -30.20 -28.22 -9.49
CA LEU A 300 -30.47 -28.06 -8.05
C LEU A 300 -31.82 -28.68 -7.66
N PHE A 301 -32.84 -28.40 -8.48
CA PHE A 301 -34.21 -28.86 -8.20
C PHE A 301 -34.24 -30.39 -8.27
N ASN A 302 -33.61 -30.94 -9.31
CA ASN A 302 -33.52 -32.40 -9.42
C ASN A 302 -32.86 -33.01 -8.19
N SER A 303 -31.72 -32.47 -7.76
CA SER A 303 -31.05 -33.01 -6.57
C SER A 303 -31.91 -32.92 -5.32
N LEU A 304 -32.55 -31.77 -5.11
CA LEU A 304 -33.36 -31.58 -3.92
C LEU A 304 -34.60 -32.47 -3.89
N SER A 305 -35.04 -32.92 -5.07
CA SER A 305 -36.23 -33.72 -5.20
C SER A 305 -35.95 -35.20 -5.00
N GLN A 306 -34.68 -35.61 -5.12
CA GLN A 306 -34.31 -37.05 -5.12
C GLN A 306 -33.71 -37.38 -3.77
N MET B 1 22.66 -28.89 29.00
CA MET B 1 23.10 -27.83 28.05
C MET B 1 21.86 -27.32 27.35
N ARG B 2 21.86 -26.04 26.99
CA ARG B 2 20.73 -25.47 26.26
C ARG B 2 20.63 -26.11 24.86
N LYS B 3 19.40 -26.23 24.35
CA LYS B 3 19.10 -26.96 23.12
C LYS B 3 18.62 -25.99 22.06
N VAL B 4 19.22 -26.03 20.87
CA VAL B 4 18.90 -25.09 19.80
C VAL B 4 18.73 -25.75 18.40
N ILE B 5 17.93 -25.10 17.55
CA ILE B 5 17.97 -25.29 16.11
C ILE B 5 18.45 -23.97 15.51
N VAL B 6 19.29 -24.03 14.48
CA VAL B 6 19.67 -22.87 13.70
C VAL B 6 18.91 -22.89 12.38
N ASP B 7 18.21 -21.79 12.08
CA ASP B 7 17.39 -21.65 10.86
C ASP B 7 18.14 -20.66 10.01
N SER B 8 18.69 -21.14 8.90
CA SER B 8 19.75 -20.43 8.17
C SER B 8 19.58 -20.41 6.64
N ASP B 9 19.93 -19.29 6.05
CA ASP B 9 20.02 -19.14 4.57
C ASP B 9 21.50 -19.19 4.24
N THR B 10 22.06 -20.38 4.32
CA THR B 10 23.51 -20.53 4.61
C THR B 10 24.51 -19.93 3.59
N ALA B 11 25.17 -18.85 4.01
CA ALA B 11 26.24 -18.21 3.25
C ALA B 11 27.14 -17.45 4.24
N THR B 12 28.40 -17.22 3.89
CA THR B 12 29.32 -16.36 4.70
C THR B 12 29.10 -16.44 6.25
N ASP B 13 28.65 -15.35 6.89
CA ASP B 13 28.53 -15.34 8.35
C ASP B 13 27.62 -16.39 8.95
N ASP B 14 26.63 -16.86 8.20
CA ASP B 14 25.77 -17.92 8.68
C ASP B 14 26.59 -19.15 9.11
N THR B 15 27.64 -19.44 8.34
CA THR B 15 28.48 -20.61 8.60
C THR B 15 29.25 -20.45 9.92
N ILE B 16 29.71 -19.25 10.21
CA ILE B 16 30.36 -18.94 11.50
C ILE B 16 29.35 -18.98 12.65
N ALA B 17 28.13 -18.50 12.42
CA ALA B 17 27.03 -18.62 13.38
C ALA B 17 26.72 -20.09 13.72
N ILE B 18 26.73 -20.95 12.71
CA ILE B 18 26.55 -22.40 12.92
C ILE B 18 27.73 -22.98 13.75
N LEU B 19 28.96 -22.61 13.36
CA LEU B 19 30.18 -22.95 14.15
C LEU B 19 29.98 -22.59 15.62
N LEU B 20 29.71 -21.32 15.90
CA LEU B 20 29.50 -20.87 17.29
C LEU B 20 28.40 -21.64 17.99
N ALA B 21 27.25 -21.80 17.33
CA ALA B 21 26.10 -22.52 17.95
C ALA B 21 26.49 -23.93 18.39
N SER B 22 27.32 -24.58 17.56
CA SER B 22 27.71 -25.97 17.77
C SER B 22 28.65 -26.11 18.96
N ARG B 23 29.43 -25.06 19.23
CA ARG B 23 30.28 -25.00 20.46
C ARG B 23 29.51 -24.61 21.73
N PHE B 24 28.54 -23.68 21.63
CA PHE B 24 27.85 -23.15 22.81
C PHE B 24 26.66 -23.96 23.29
N PHE B 25 26.01 -24.68 22.38
CA PHE B 25 24.76 -25.33 22.66
C PHE B 25 24.75 -26.82 22.26
N GLN B 26 23.72 -27.53 22.72
CA GLN B 26 23.38 -28.81 22.07
C GLN B 26 22.69 -28.45 20.71
N LEU B 27 23.43 -28.51 19.59
CA LEU B 27 22.86 -28.17 18.27
C LEU B 27 22.03 -29.34 17.70
N LEU B 28 20.72 -29.18 17.74
CA LEU B 28 19.79 -30.26 17.40
C LEU B 28 19.55 -30.39 15.91
N GLY B 29 19.87 -29.34 15.15
CA GLY B 29 19.73 -29.38 13.70
C GLY B 29 19.87 -28.02 13.10
N VAL B 30 20.14 -27.99 11.80
CA VAL B 30 20.16 -26.78 10.99
C VAL B 30 19.06 -26.92 9.93
N THR B 31 18.12 -26.00 9.95
CA THR B 31 17.02 -25.93 8.96
C THR B 31 17.40 -24.86 7.92
N ILE B 32 17.12 -25.15 6.63
CA ILE B 32 17.58 -24.30 5.54
C ILE B 32 16.37 -23.59 4.93
N VAL B 33 16.57 -22.32 4.61
CA VAL B 33 15.53 -21.44 4.01
C VAL B 33 16.10 -20.57 2.87
N ALA B 34 15.24 -20.19 1.92
CA ALA B 34 15.56 -19.22 0.87
C ALA B 34 16.00 -17.90 1.48
N GLY B 35 16.97 -17.25 0.83
CA GLY B 35 17.45 -15.93 1.24
C GLY B 35 18.70 -15.55 0.49
N ASN B 36 19.83 -15.53 1.20
CA ASN B 36 21.09 -15.00 0.71
C ASN B 36 21.51 -15.43 -0.72
N VAL B 37 21.53 -16.74 -0.99
CA VAL B 37 22.02 -17.23 -2.29
C VAL B 37 21.14 -18.39 -2.78
N ASN B 38 21.42 -18.89 -3.97
CA ASN B 38 20.69 -20.04 -4.48
C ASN B 38 20.47 -21.11 -3.41
N TYR B 39 19.21 -21.58 -3.28
CA TYR B 39 18.84 -22.51 -2.22
C TYR B 39 19.67 -23.80 -2.19
N ASN B 40 19.85 -24.44 -3.34
CA ASN B 40 20.54 -25.72 -3.36
C ASN B 40 22.00 -25.49 -2.95
N GLN B 41 22.55 -24.32 -3.27
CA GLN B 41 23.88 -23.93 -2.87
C GLN B 41 23.97 -23.72 -1.34
N GLU B 42 22.95 -23.10 -0.77
CA GLU B 42 22.90 -22.92 0.68
C GLU B 42 22.94 -24.28 1.42
N VAL B 43 22.16 -25.22 0.93
CA VAL B 43 22.16 -26.56 1.46
C VAL B 43 23.61 -27.16 1.46
N LYS B 44 24.29 -27.06 0.33
CA LYS B 44 25.68 -27.55 0.21
C LYS B 44 26.60 -26.86 1.24
N ASN B 45 26.44 -25.54 1.40
CA ASN B 45 27.27 -24.74 2.31
C ASN B 45 27.08 -25.25 3.77
N ALA B 46 25.83 -25.51 4.17
CA ALA B 46 25.57 -26.01 5.50
C ALA B 46 26.14 -27.43 5.74
N LEU B 47 25.93 -28.34 4.77
CA LEU B 47 26.48 -29.70 4.87
C LEU B 47 28.04 -29.65 4.95
N PHE B 48 28.67 -28.88 4.08
CA PHE B 48 30.13 -28.68 4.10
C PHE B 48 30.59 -28.09 5.44
N THR B 49 29.93 -27.02 5.90
CA THR B 49 30.25 -26.43 7.21
C THR B 49 30.24 -27.45 8.34
N LEU B 50 29.13 -28.19 8.49
CA LEU B 50 28.97 -29.16 9.55
C LEU B 50 30.03 -30.29 9.51
N GLU B 51 30.40 -30.75 8.33
CA GLU B 51 31.49 -31.72 8.21
C GLU B 51 32.86 -31.13 8.57
N TYR B 52 33.13 -29.93 8.07
CA TYR B 52 34.45 -29.31 8.22
C TYR B 52 34.74 -29.00 9.66
N ILE B 53 33.70 -28.62 10.39
CA ILE B 53 33.86 -28.29 11.80
C ILE B 53 33.78 -29.46 12.78
N GLY B 54 33.68 -30.70 12.30
CA GLY B 54 33.56 -31.84 13.18
C GLY B 54 32.22 -32.03 13.84
N LYS B 55 31.16 -31.64 13.15
CA LYS B 55 29.80 -31.76 13.65
C LYS B 55 28.95 -32.46 12.60
N GLN B 56 29.52 -33.50 12.00
CA GLN B 56 28.84 -34.21 10.91
C GLN B 56 27.58 -34.93 11.32
N ASP B 57 27.38 -35.18 12.60
CA ASP B 57 26.14 -35.84 13.03
C ASP B 57 24.95 -34.90 13.26
N VAL B 58 25.16 -33.59 13.19
CA VAL B 58 24.06 -32.60 13.34
C VAL B 58 23.22 -32.68 12.06
N PRO B 59 21.91 -32.92 12.18
CA PRO B 59 21.15 -33.11 10.93
C PRO B 59 20.82 -31.80 10.22
N VAL B 60 20.77 -31.85 8.89
CA VAL B 60 20.33 -30.73 8.05
C VAL B 60 18.95 -31.06 7.42
N TYR B 61 17.97 -30.17 7.67
CA TYR B 61 16.64 -30.31 7.13
C TYR B 61 16.36 -29.21 6.12
N LEU B 62 15.83 -29.63 4.96
CA LEU B 62 15.39 -28.73 3.91
C LEU B 62 14.03 -28.14 4.25
N GLY B 63 14.00 -26.80 4.32
CA GLY B 63 12.76 -26.05 4.51
C GLY B 63 12.36 -25.37 3.21
N SER B 64 11.58 -24.32 3.36
CA SER B 64 11.00 -23.66 2.19
C SER B 64 12.05 -23.04 1.27
N GLN B 65 11.91 -23.30 -0.04
CA GLN B 65 12.82 -22.77 -1.06
C GLN B 65 12.38 -21.40 -1.62
N ARG B 66 11.41 -20.79 -0.93
CA ARG B 66 10.97 -19.45 -1.24
C ARG B 66 10.34 -18.86 0.01
N PRO B 67 10.38 -17.54 0.13
CA PRO B 67 9.51 -16.94 1.12
C PRO B 67 8.02 -17.16 0.77
N ILE B 68 7.17 -16.88 1.75
CA ILE B 68 5.74 -17.12 1.63
C ILE B 68 5.20 -16.60 0.28
N LEU B 69 5.48 -15.35 -0.06
CA LEU B 69 4.99 -14.78 -1.32
C LEU B 69 5.97 -14.86 -2.48
N GLY B 70 7.16 -15.37 -2.23
CA GLY B 70 8.06 -15.66 -3.35
C GLY B 70 8.71 -14.46 -3.96
N ASN B 71 8.76 -13.34 -3.24
CA ASN B 71 9.30 -12.08 -3.73
C ASN B 71 10.64 -11.73 -3.07
N TRP B 72 11.74 -12.04 -3.75
CA TRP B 72 13.05 -11.65 -3.26
C TRP B 72 14.11 -11.69 -4.36
N ARG B 73 15.32 -11.29 -4.00
CA ARG B 73 16.50 -11.54 -4.78
C ARG B 73 17.59 -12.13 -3.89
N THR B 74 18.45 -12.92 -4.50
CA THR B 74 19.70 -13.32 -3.86
C THR B 74 20.71 -12.17 -3.95
N VAL B 75 21.73 -12.23 -3.11
CA VAL B 75 22.68 -11.09 -2.95
C VAL B 75 24.13 -11.62 -3.05
N GLU B 76 24.41 -12.19 -4.22
CA GLU B 76 25.73 -12.72 -4.53
CA GLU B 76 25.74 -12.72 -4.52
C GLU B 76 26.80 -11.63 -4.43
N GLU B 77 26.44 -10.36 -4.61
CA GLU B 77 27.44 -9.29 -4.47
C GLU B 77 28.00 -9.20 -3.01
N VAL B 78 27.26 -9.73 -2.02
CA VAL B 78 27.74 -9.73 -0.65
C VAL B 78 28.48 -11.03 -0.30
N HIS B 79 27.95 -12.14 -0.79
CA HIS B 79 28.33 -13.46 -0.30
C HIS B 79 29.18 -14.25 -1.28
N GLY B 80 29.37 -13.73 -2.50
CA GLY B 80 29.94 -14.50 -3.60
C GLY B 80 28.91 -15.37 -4.29
N SER B 81 29.23 -15.83 -5.50
CA SER B 81 28.29 -16.64 -6.33
C SER B 81 27.82 -17.89 -5.63
N ASN B 82 28.73 -18.54 -4.88
CA ASN B 82 28.37 -19.74 -4.14
C ASN B 82 28.03 -19.54 -2.65
N GLY B 83 27.92 -18.30 -2.21
CA GLY B 83 27.64 -17.98 -0.81
C GLY B 83 28.87 -18.21 0.07
N MET B 84 30.00 -18.58 -0.54
CA MET B 84 31.25 -18.85 0.21
C MET B 84 32.46 -18.11 -0.37
N SER B 85 32.22 -16.90 -0.84
CA SER B 85 33.25 -16.02 -1.38
C SER B 85 34.02 -16.67 -2.55
N ASN B 86 33.30 -17.46 -3.33
CA ASN B 86 33.83 -18.19 -4.48
C ASN B 86 34.94 -19.16 -4.14
N TRP B 87 35.07 -19.53 -2.87
CA TRP B 87 35.90 -20.64 -2.51
C TRP B 87 35.33 -21.95 -3.07
N ASN B 88 36.09 -22.54 -3.98
CA ASN B 88 35.76 -23.82 -4.60
C ASN B 88 36.14 -24.97 -3.66
N TYR B 89 35.32 -25.16 -2.62
CA TYR B 89 35.60 -26.13 -1.57
C TYR B 89 35.21 -27.55 -1.96
N PRO B 90 35.85 -28.55 -1.33
CA PRO B 90 35.55 -29.93 -1.71
C PRO B 90 34.15 -30.41 -1.28
N GLU B 91 33.46 -31.10 -2.19
CA GLU B 91 32.13 -31.65 -1.94
C GLU B 91 32.17 -32.54 -0.71
N PRO B 92 31.26 -32.31 0.27
CA PRO B 92 31.21 -33.16 1.44
C PRO B 92 30.48 -34.46 1.18
N ASN B 93 30.70 -35.46 2.05
CA ASN B 93 29.98 -36.74 2.05
C ASN B 93 28.57 -36.60 2.67
N LYS B 94 28.42 -35.65 3.59
CA LYS B 94 27.18 -35.52 4.33
C LYS B 94 26.02 -35.18 3.40
N ARG B 95 24.91 -35.87 3.58
CA ARG B 95 23.66 -35.55 2.85
C ARG B 95 22.61 -34.97 3.82
N PRO B 96 21.65 -34.20 3.30
CA PRO B 96 20.56 -33.79 4.18
C PRO B 96 19.66 -34.94 4.59
N GLU B 97 18.85 -34.70 5.61
CA GLU B 97 17.82 -35.63 6.01
C GLU B 97 16.64 -35.55 5.03
N LYS B 98 15.77 -36.55 5.09
CA LYS B 98 14.58 -36.61 4.26
C LYS B 98 13.46 -35.76 4.85
N GLU B 99 13.39 -35.69 6.18
CA GLU B 99 12.32 -34.97 6.89
C GLU B 99 12.33 -33.46 6.58
N HIS B 100 11.18 -32.93 6.20
CA HIS B 100 11.06 -31.50 5.91
C HIS B 100 11.34 -30.67 7.19
N ALA B 101 11.98 -29.50 7.05
CA ALA B 101 12.27 -28.60 8.21
C ALA B 101 11.04 -28.33 9.07
N ILE B 102 9.90 -28.07 8.45
CA ILE B 102 8.70 -27.78 9.20
C ILE B 102 8.35 -28.94 10.12
N ASP B 103 8.39 -30.17 9.59
CA ASP B 103 8.03 -31.34 10.40
C ASP B 103 9.08 -31.58 11.54
N ALA B 104 10.34 -31.37 11.23
CA ALA B 104 11.45 -31.45 12.18
C ALA B 104 11.32 -30.44 13.33
N ILE B 105 10.99 -29.19 13.03
CA ILE B 105 10.81 -28.17 14.06
C ILE B 105 9.65 -28.55 15.01
N LEU B 106 8.54 -28.98 14.43
CA LEU B 106 7.39 -29.35 15.25
C LEU B 106 7.66 -30.62 16.07
N ARG B 107 8.30 -31.59 15.44
CA ARG B 107 8.69 -32.83 16.13
C ARG B 107 9.66 -32.55 17.27
N LEU B 108 10.67 -31.75 17.00
CA LEU B 108 11.68 -31.43 18.03
C LEU B 108 11.11 -30.54 19.14
N SER B 109 10.07 -29.76 18.82
CA SER B 109 9.39 -28.96 19.81
C SER B 109 8.64 -29.85 20.81
N LYS B 110 8.27 -31.07 20.40
CA LYS B 110 7.60 -31.97 21.34
C LYS B 110 8.63 -32.78 22.16
N GLU B 111 9.63 -33.29 21.46
CA GLU B 111 10.71 -34.07 22.12
C GLU B 111 11.40 -33.23 23.17
N HIS B 112 11.55 -31.92 22.89
CA HIS B 112 12.29 -31.00 23.74
C HIS B 112 11.45 -29.86 24.22
N GLU B 113 10.15 -30.16 24.47
CA GLU B 113 9.18 -29.20 24.96
C GLU B 113 9.69 -28.45 26.19
N GLY B 114 9.55 -27.14 26.15
CA GLY B 114 10.01 -26.26 27.23
C GLY B 114 11.48 -25.90 27.17
N GLU B 115 12.28 -26.60 26.36
CA GLU B 115 13.69 -26.36 26.28
C GLU B 115 14.14 -25.82 24.88
N LEU B 116 13.42 -26.19 23.82
CA LEU B 116 13.86 -25.84 22.46
C LEU B 116 13.96 -24.33 22.26
N GLU B 117 15.14 -23.89 21.86
CA GLU B 117 15.38 -22.47 21.46
C GLU B 117 15.70 -22.43 19.97
N ILE B 118 15.23 -21.38 19.29
CA ILE B 118 15.47 -21.22 17.87
C ILE B 118 16.38 -20.03 17.64
N LEU B 119 17.46 -20.29 16.91
CA LEU B 119 18.37 -19.25 16.44
C LEU B 119 18.00 -18.89 15.02
N ALA B 120 17.21 -17.82 14.89
CA ALA B 120 16.58 -17.46 13.61
C ALA B 120 17.48 -16.41 12.95
N ILE B 121 18.36 -16.88 12.08
CA ILE B 121 19.39 -16.02 11.49
C ILE B 121 19.17 -15.90 9.98
N SER B 122 17.90 -15.76 9.61
CA SER B 122 17.48 -15.86 8.22
C SER B 122 16.04 -15.33 8.09
N PRO B 123 15.53 -15.16 6.83
CA PRO B 123 14.08 -14.90 6.68
C PRO B 123 13.27 -15.97 7.44
N LEU B 124 12.12 -15.56 8.02
CA LEU B 124 11.47 -16.32 9.10
C LEU B 124 10.47 -17.38 8.61
N THR B 125 10.51 -17.64 7.32
CA THR B 125 9.55 -18.49 6.58
C THR B 125 9.25 -19.84 7.24
N ASN B 126 10.29 -20.60 7.57
CA ASN B 126 10.06 -21.90 8.15
C ASN B 126 9.35 -21.84 9.49
N ILE B 127 9.71 -20.87 10.32
CA ILE B 127 9.10 -20.67 11.64
C ILE B 127 7.61 -20.27 11.50
N ALA B 128 7.32 -19.32 10.61
CA ALA B 128 5.95 -18.93 10.32
C ALA B 128 5.11 -20.09 9.84
N LEU B 129 5.63 -20.87 8.88
CA LEU B 129 4.86 -21.97 8.32
C LEU B 129 4.63 -23.12 9.35
N ALA B 130 5.63 -23.38 10.21
CA ALA B 130 5.42 -24.38 11.31
C ALA B 130 4.34 -23.89 12.26
N TYR B 131 4.34 -22.58 12.58
CA TYR B 131 3.30 -22.01 13.43
C TYR B 131 1.90 -22.12 12.80
N LEU B 132 1.79 -21.81 11.52
CA LEU B 132 0.48 -21.90 10.84
C LEU B 132 0.00 -23.36 10.79
N LYS B 133 0.94 -24.31 10.63
CA LYS B 133 0.60 -25.73 10.68
C LYS B 133 0.13 -26.20 12.06
N ASP B 134 0.81 -25.77 13.13
CA ASP B 134 0.48 -26.14 14.51
C ASP B 134 0.72 -24.98 15.44
N PRO B 135 -0.29 -24.12 15.61
CA PRO B 135 -0.06 -22.96 16.51
C PRO B 135 0.30 -23.26 17.96
N SER B 136 0.03 -24.50 18.43
CA SER B 136 0.42 -24.88 19.80
C SER B 136 1.96 -24.97 20.01
N VAL B 137 2.74 -24.94 18.91
CA VAL B 137 4.19 -24.86 18.98
C VAL B 137 4.68 -23.71 19.89
N VAL B 138 3.91 -22.62 19.92
CA VAL B 138 4.21 -21.49 20.79
C VAL B 138 4.33 -21.92 22.23
N LYS B 139 3.49 -22.85 22.66
CA LYS B 139 3.56 -23.34 24.03
C LYS B 139 4.84 -24.15 24.34
N ARG B 140 5.49 -24.73 23.33
CA ARG B 140 6.59 -25.66 23.54
C ARG B 140 7.97 -25.06 23.29
N VAL B 141 8.03 -23.95 22.55
CA VAL B 141 9.31 -23.30 22.27
C VAL B 141 9.71 -22.36 23.43
N LYS B 142 10.93 -22.49 23.94
CA LYS B 142 11.38 -21.70 25.06
C LYS B 142 11.64 -20.24 24.64
N LYS B 143 12.29 -20.06 23.49
CA LYS B 143 12.83 -18.76 23.13
C LYS B 143 13.19 -18.72 21.62
N ILE B 144 12.95 -17.58 20.99
CA ILE B 144 13.43 -17.33 19.65
C ILE B 144 14.33 -16.07 19.70
N TRP B 145 15.53 -16.24 19.17
CA TRP B 145 16.53 -15.17 19.00
C TRP B 145 16.56 -14.85 17.51
N ILE B 146 16.18 -13.62 17.15
CA ILE B 146 16.02 -13.24 15.76
C ILE B 146 17.07 -12.22 15.34
N MET B 147 17.77 -12.47 14.25
CA MET B 147 18.55 -11.43 13.55
C MET B 147 17.63 -10.88 12.46
N GLY B 148 17.25 -9.62 12.60
CA GLY B 148 16.41 -8.97 11.61
C GLY B 148 16.04 -7.54 11.97
N GLY B 149 15.56 -6.83 10.99
CA GLY B 149 15.12 -5.49 11.15
C GLY B 149 16.21 -4.41 11.16
N ALA B 150 15.75 -3.19 10.94
CA ALA B 150 16.56 -1.97 11.08
C ALA B 150 15.72 -0.85 11.61
N PHE B 151 16.35 0.08 12.33
CA PHE B 151 15.64 1.24 12.86
C PHE B 151 15.39 2.20 11.71
N SER B 152 16.44 2.39 10.92
CA SER B 152 16.49 3.37 9.86
C SER B 152 17.38 3.00 8.69
N LYS B 153 18.55 2.40 8.97
CA LYS B 153 19.58 2.05 8.01
C LYS B 153 19.33 0.71 7.35
N GLY B 154 18.33 0.70 6.47
CA GLY B 154 18.01 -0.43 5.66
C GLY B 154 19.24 -0.83 4.84
N ASN B 155 19.60 -2.11 4.87
CA ASN B 155 20.71 -2.63 4.02
C ASN B 155 20.30 -3.21 2.67
N THR B 156 18.99 -3.26 2.44
CA THR B 156 18.44 -3.87 1.24
C THR B 156 17.55 -2.89 0.47
N THR B 157 16.69 -2.19 1.19
CA THR B 157 16.01 -1.01 0.67
C THR B 157 16.45 0.12 1.57
N PRO B 158 16.03 1.35 1.28
CA PRO B 158 16.46 2.41 2.16
C PRO B 158 16.05 2.20 3.62
N ILE B 159 14.86 1.61 3.86
CA ILE B 159 14.38 1.36 5.24
C ILE B 159 14.50 -0.12 5.68
N ALA B 160 14.48 -1.09 4.76
CA ALA B 160 14.37 -2.50 5.14
C ALA B 160 15.70 -3.28 5.18
N GLU B 161 15.80 -4.09 6.23
CA GLU B 161 16.87 -5.07 6.40
C GLU B 161 16.52 -6.36 5.66
N PHE B 162 17.53 -7.09 5.23
CA PHE B 162 17.35 -8.23 4.34
C PHE B 162 16.38 -9.33 4.75
N ASN B 163 16.54 -9.89 5.94
CA ASN B 163 15.71 -10.93 6.42
C ASN B 163 14.21 -10.56 6.47
N PHE B 164 13.93 -9.37 7.00
CA PHE B 164 12.60 -8.84 7.08
C PHE B 164 12.02 -8.56 5.70
N TRP B 165 12.88 -8.07 4.80
CA TRP B 165 12.45 -7.74 3.44
C TRP B 165 12.10 -8.99 2.62
N VAL B 166 12.90 -10.04 2.72
CA VAL B 166 12.69 -11.27 1.98
C VAL B 166 11.34 -11.86 2.31
N ASP B 167 11.02 -11.91 3.61
CA ASP B 167 9.74 -12.50 4.06
C ASP B 167 9.08 -11.71 5.19
N PRO B 168 8.50 -10.55 4.81
CA PRO B 168 7.85 -9.69 5.76
C PRO B 168 6.61 -10.32 6.37
N GLU B 169 5.93 -11.12 5.55
CA GLU B 169 4.73 -11.83 6.01
C GLU B 169 5.11 -12.81 7.11
N ALA B 170 6.17 -13.56 6.88
CA ALA B 170 6.65 -14.50 7.86
C ALA B 170 7.07 -13.79 9.14
N ALA B 171 7.75 -12.63 9.03
CA ALA B 171 8.16 -11.91 10.21
C ALA B 171 6.96 -11.41 11.04
N LYS B 172 5.93 -10.91 10.36
CA LYS B 172 4.69 -10.50 11.03
C LYS B 172 4.02 -11.67 11.75
N ILE B 173 3.92 -12.83 11.09
CA ILE B 173 3.35 -14.00 11.73
C ILE B 173 4.13 -14.44 13.01
N VAL B 174 5.45 -14.48 12.91
CA VAL B 174 6.26 -14.90 14.05
C VAL B 174 6.13 -13.89 15.20
N LEU B 175 6.13 -12.60 14.88
CA LEU B 175 6.16 -11.57 15.92
C LEU B 175 4.85 -11.56 16.71
N ASP B 176 3.76 -11.97 16.08
CA ASP B 176 2.48 -11.92 16.73
C ASP B 176 1.97 -13.29 17.26
N ALA B 177 2.72 -14.36 17.05
CA ALA B 177 2.36 -15.71 17.52
C ALA B 177 2.31 -15.87 19.04
N GLY B 178 3.15 -15.14 19.76
CA GLY B 178 3.23 -15.27 21.21
C GLY B 178 4.47 -15.91 21.75
N PHE B 179 5.52 -15.99 20.94
CA PHE B 179 6.83 -16.49 21.40
C PHE B 179 7.53 -15.47 22.31
N ASP B 180 8.49 -15.95 23.06
CA ASP B 180 9.39 -15.09 23.84
C ASP B 180 10.54 -14.77 22.87
N ILE B 181 10.56 -13.54 22.39
CA ILE B 181 11.47 -13.12 21.32
C ILE B 181 12.48 -12.05 21.80
N THR B 182 13.75 -12.21 21.39
CA THR B 182 14.73 -11.11 21.45
C THR B 182 15.20 -10.89 20.03
N ILE B 183 15.23 -9.62 19.60
CA ILE B 183 15.60 -9.20 18.25
CA ILE B 183 15.64 -9.27 18.26
C ILE B 183 16.94 -8.47 18.29
N VAL B 184 17.86 -8.86 17.41
CA VAL B 184 19.13 -8.15 17.20
C VAL B 184 19.03 -7.45 15.84
N PRO B 185 18.89 -6.11 15.84
CA PRO B 185 18.68 -5.42 14.58
C PRO B 185 20.00 -5.02 13.88
N TRP B 186 19.86 -4.61 12.64
CA TRP B 186 21.01 -4.32 11.80
C TRP B 186 21.96 -3.27 12.43
N GLU B 187 21.44 -2.16 12.94
CA GLU B 187 22.33 -1.09 13.47
C GLU B 187 23.24 -1.62 14.58
N VAL B 188 22.74 -2.56 15.39
CA VAL B 188 23.51 -3.16 16.48
C VAL B 188 24.61 -4.06 15.94
N ALA B 189 24.30 -4.83 14.90
CA ALA B 189 25.29 -5.69 14.24
C ALA B 189 26.34 -4.83 13.54
N GLU B 190 25.91 -3.75 12.89
CA GLU B 190 26.85 -2.85 12.18
C GLU B 190 27.93 -2.30 13.15
N ILE B 191 27.53 -1.94 14.36
CA ILE B 191 28.48 -1.42 15.41
C ILE B 191 29.20 -2.54 16.17
N SER B 192 28.47 -3.49 16.73
CA SER B 192 29.02 -4.43 17.70
C SER B 192 29.27 -5.82 17.10
N GLY B 193 28.80 -6.05 15.88
CA GLY B 193 29.11 -7.26 15.12
C GLY B 193 30.24 -7.06 14.10
N SER B 194 30.93 -5.94 14.20
CA SER B 194 31.96 -5.57 13.22
C SER B 194 33.37 -5.99 13.66
N LEU B 195 34.20 -6.23 12.64
CA LEU B 195 35.58 -6.59 12.81
C LEU B 195 36.37 -5.62 11.96
N ASN B 196 37.46 -5.09 12.53
CA ASN B 196 38.31 -4.15 11.81
C ASN B 196 39.53 -4.86 11.17
N GLU B 197 40.38 -4.08 10.49
CA GLU B 197 41.55 -4.68 9.84
C GLU B 197 42.51 -5.40 10.81
N ARG B 198 42.70 -4.86 11.99
CA ARG B 198 43.58 -5.47 12.99
C ARG B 198 43.02 -6.80 13.49
N ASP B 199 41.69 -6.86 13.59
CA ASP B 199 40.98 -8.11 13.92
C ASP B 199 41.23 -9.17 12.83
N TRP B 200 41.13 -8.75 11.57
CA TRP B 200 41.38 -9.64 10.44
C TRP B 200 42.85 -10.09 10.39
N GLU B 201 43.76 -9.18 10.70
CA GLU B 201 45.20 -9.53 10.75
C GLU B 201 45.41 -10.62 11.80
N TYR B 202 44.79 -10.45 12.97
CA TYR B 202 44.91 -11.41 14.07
C TYR B 202 44.35 -12.78 13.65
N ILE B 203 43.14 -12.77 13.06
CA ILE B 203 42.52 -14.01 12.66
C ILE B 203 43.36 -14.75 11.63
N SER B 204 43.91 -14.05 10.63
CA SER B 204 44.75 -14.76 9.65
C SER B 204 46.01 -15.35 10.30
N LYS B 205 46.59 -14.64 11.26
CA LYS B 205 47.76 -15.19 11.97
C LYS B 205 47.48 -16.39 12.84
N LEU B 206 46.22 -16.60 13.26
CA LEU B 206 45.89 -17.78 14.06
C LEU B 206 46.27 -19.08 13.34
N ASN B 207 46.13 -19.07 12.03
CA ASN B 207 46.43 -20.23 11.18
C ASN B 207 45.93 -21.57 11.72
N THR B 208 44.66 -21.62 12.09
CA THR B 208 44.02 -22.88 12.46
C THR B 208 43.08 -23.31 11.32
N LYS B 209 42.59 -24.54 11.42
CA LYS B 209 41.62 -25.04 10.44
C LYS B 209 40.43 -24.09 10.40
N LEU B 210 39.94 -23.70 11.56
CA LEU B 210 38.76 -22.81 11.67
C LEU B 210 39.05 -21.35 11.23
N SER B 211 40.24 -20.84 11.57
CA SER B 211 40.58 -19.47 11.21
C SER B 211 40.72 -19.37 9.68
N ASN B 212 41.30 -20.40 9.04
CA ASN B 212 41.37 -20.41 7.57
C ASN B 212 40.01 -20.53 6.91
N PHE B 213 39.16 -21.36 7.44
CA PHE B 213 37.74 -21.40 7.01
C PHE B 213 37.11 -20.00 7.06
N PHE B 214 37.25 -19.32 8.20
CA PHE B 214 36.70 -17.96 8.37
C PHE B 214 37.20 -16.99 7.29
N ILE B 215 38.51 -16.95 7.09
CA ILE B 215 39.07 -16.10 6.07
C ILE B 215 38.53 -16.47 4.69
N ASN B 216 38.47 -17.76 4.39
CA ASN B 216 38.12 -18.18 3.03
C ASN B 216 36.64 -17.80 2.75
N VAL B 217 35.76 -18.14 3.68
CA VAL B 217 34.29 -18.02 3.42
C VAL B 217 33.83 -16.55 3.42
N ASN B 218 34.55 -15.69 4.16
CA ASN B 218 34.14 -14.31 4.36
C ASN B 218 34.84 -13.21 3.53
N LYS B 219 35.71 -13.59 2.60
CA LYS B 219 36.41 -12.60 1.78
C LYS B 219 35.49 -11.61 1.08
N THR B 220 34.39 -12.09 0.52
CA THR B 220 33.52 -11.22 -0.27
C THR B 220 32.68 -10.32 0.66
N LEU B 221 32.37 -10.85 1.84
CA LEU B 221 31.65 -10.09 2.84
C LEU B 221 32.55 -8.92 3.29
N LYS B 222 33.84 -9.15 3.46
CA LYS B 222 34.76 -8.07 3.80
C LYS B 222 34.84 -7.02 2.69
N GLU B 223 34.98 -7.48 1.44
CA GLU B 223 35.00 -6.58 0.29
C GLU B 223 33.76 -5.70 0.21
N TYR B 224 32.60 -6.34 0.32
CA TYR B 224 31.33 -5.64 0.24
C TYR B 224 31.18 -4.63 1.38
N THR B 225 31.44 -5.07 2.62
CA THR B 225 31.36 -4.22 3.79
C THR B 225 32.35 -3.06 3.72
N THR B 226 33.57 -3.34 3.26
CA THR B 226 34.61 -2.29 3.11
C THR B 226 34.13 -1.19 2.18
N LYS B 227 33.59 -1.56 1.02
CA LYS B 227 33.04 -0.56 0.09
C LYS B 227 31.90 0.27 0.69
N ASN B 228 30.99 -0.37 1.42
CA ASN B 228 29.79 0.32 1.91
C ASN B 228 29.97 1.09 3.21
N GLN B 229 30.98 0.74 4.01
CA GLN B 229 31.28 1.43 5.26
C GLN B 229 32.37 2.46 5.11
N GLY B 230 33.15 2.37 4.03
CA GLY B 230 34.29 3.27 3.79
C GLY B 230 35.49 3.05 4.70
N ILE B 231 35.56 1.89 5.33
CA ILE B 231 36.69 1.53 6.22
C ILE B 231 36.81 0.02 6.30
N SER B 232 38.04 -0.49 6.22
CA SER B 232 38.24 -1.93 6.10
C SER B 232 37.58 -2.69 7.27
N GLY B 233 36.83 -3.71 6.92
CA GLY B 233 36.21 -4.55 7.93
C GLY B 233 35.10 -5.38 7.37
N SER B 234 34.43 -6.09 8.28
CA SER B 234 33.34 -7.00 7.93
C SER B 234 32.31 -6.94 9.08
N ILE B 235 31.05 -7.24 8.76
CA ILE B 235 29.93 -7.20 9.71
C ILE B 235 29.32 -8.58 9.79
N HIS B 236 29.12 -9.06 11.02
CA HIS B 236 28.76 -10.44 11.34
C HIS B 236 27.47 -10.50 12.20
N PRO B 237 26.30 -10.23 11.58
CA PRO B 237 25.04 -10.14 12.33
C PRO B 237 24.59 -11.47 12.97
N ASP B 238 24.79 -12.55 12.25
CA ASP B 238 24.32 -13.86 12.68
C ASP B 238 25.21 -14.43 13.78
N SER B 239 26.52 -14.32 13.61
CA SER B 239 27.46 -14.68 14.69
C SER B 239 27.17 -13.86 15.96
N LEU B 240 26.92 -12.54 15.81
CA LEU B 240 26.66 -11.69 17.00
C LEU B 240 25.36 -12.19 17.70
N THR B 241 24.36 -12.57 16.91
CA THR B 241 23.08 -13.01 17.47
C THR B 241 23.24 -14.30 18.28
N VAL B 242 23.93 -15.28 17.71
CA VAL B 242 24.24 -16.53 18.41
C VAL B 242 25.04 -16.28 19.70
N SER B 243 26.00 -15.37 19.62
CA SER B 243 26.83 -14.95 20.79
C SER B 243 25.99 -14.33 21.91
N ILE B 244 25.07 -13.42 21.51
CA ILE B 244 24.12 -12.86 22.45
C ILE B 244 23.19 -13.91 23.11
N ALA B 245 22.68 -14.83 22.31
CA ALA B 245 21.94 -15.96 22.84
C ALA B 245 22.71 -16.71 23.88
N HIS B 246 23.96 -17.02 23.58
CA HIS B 246 24.83 -17.72 24.51
C HIS B 246 25.14 -16.92 25.79
N ASP B 247 25.60 -15.68 25.62
CA ASP B 247 25.99 -14.83 26.74
C ASP B 247 25.19 -13.57 26.71
N ASN B 248 24.08 -13.58 27.47
CA ASN B 248 23.11 -12.49 27.45
C ASN B 248 23.69 -11.18 27.95
N SER B 249 24.83 -11.24 28.67
CA SER B 249 25.48 -9.97 29.14
C SER B 249 26.06 -9.13 28.01
N ILE B 250 26.14 -9.70 26.82
CA ILE B 250 26.54 -8.96 25.64
C ILE B 250 25.47 -7.92 25.36
N ILE B 251 24.25 -8.16 25.82
CA ILE B 251 23.23 -7.10 25.78
C ILE B 251 23.54 -6.03 26.80
N LEU B 252 23.83 -4.82 26.34
CA LEU B 252 24.08 -3.67 27.24
C LEU B 252 22.84 -2.83 27.48
N ASP B 253 21.98 -2.72 26.47
CA ASP B 253 20.73 -2.00 26.62
C ASP B 253 19.69 -2.62 25.71
N SER B 254 18.45 -2.69 26.15
CA SER B 254 17.36 -3.22 25.33
C SER B 254 16.04 -2.71 25.86
N SER B 255 14.98 -2.91 25.09
CA SER B 255 13.67 -2.44 25.48
CA SER B 255 13.66 -2.41 25.44
C SER B 255 12.59 -3.38 24.95
N LEU B 256 11.59 -3.65 25.79
CA LEU B 256 10.47 -4.47 25.38
C LEU B 256 9.47 -3.53 24.74
N LYS B 257 9.23 -3.74 23.44
CA LYS B 257 8.36 -2.87 22.65
C LYS B 257 7.47 -3.67 21.72
N TYR B 258 6.42 -3.04 21.21
CA TYR B 258 5.60 -3.64 20.16
C TYR B 258 6.26 -3.37 18.79
N VAL B 259 6.64 -4.46 18.16
CA VAL B 259 7.29 -4.45 16.83
C VAL B 259 6.29 -4.97 15.79
N ASP B 260 6.12 -4.17 14.76
CA ASP B 260 5.29 -4.48 13.61
C ASP B 260 6.19 -4.52 12.34
N VAL B 261 5.70 -5.13 11.27
CA VAL B 261 6.47 -5.23 9.98
C VAL B 261 5.57 -4.74 8.82
N GLU B 262 6.04 -3.77 8.06
CA GLU B 262 5.34 -3.28 6.87
C GLU B 262 5.37 -4.31 5.72
N LEU B 263 4.21 -4.58 5.16
CA LEU B 263 4.08 -5.54 4.05
C LEU B 263 3.92 -4.90 2.69
N CYS B 264 3.72 -3.58 2.65
CA CYS B 264 3.30 -2.91 1.43
C CYS B 264 4.19 -1.75 0.99
N SER B 265 4.14 -1.44 -0.31
CA SER B 265 4.68 -0.21 -0.83
C SER B 265 6.22 -0.17 -0.77
N LYS B 266 6.78 1.02 -0.97
CA LYS B 266 8.22 1.26 -0.89
C LYS B 266 8.82 0.79 0.44
N SER B 267 8.03 0.81 1.51
CA SER B 267 8.49 0.51 2.85
C SER B 267 8.40 -0.98 3.24
N ARG B 268 8.00 -1.84 2.30
CA ARG B 268 7.86 -3.29 2.58
C ARG B 268 9.14 -3.85 3.22
N GLY B 269 8.99 -4.56 4.32
CA GLY B 269 10.17 -5.02 5.12
C GLY B 269 10.47 -4.16 6.35
N ALA B 270 9.99 -2.91 6.36
CA ALA B 270 10.29 -2.00 7.47
C ALA B 270 9.82 -2.55 8.82
N MET B 271 10.71 -2.38 9.79
CA MET B 271 10.46 -2.67 11.18
CA MET B 271 10.45 -2.68 11.19
C MET B 271 9.86 -1.44 11.87
N LEU B 272 8.60 -1.54 12.27
CA LEU B 272 7.86 -0.45 12.88
C LEU B 272 7.73 -0.64 14.38
N ILE B 273 8.24 0.32 15.17
CA ILE B 273 8.34 0.17 16.59
C ILE B 273 7.58 1.26 17.33
N ASP B 274 6.71 0.85 18.25
CA ASP B 274 5.90 1.80 18.97
C ASP B 274 6.72 2.32 20.15
N TRP B 275 7.68 3.21 19.87
CA TRP B 275 8.67 3.61 20.87
C TRP B 275 8.06 4.26 22.12
N TYR B 276 7.03 5.07 21.92
CA TYR B 276 6.41 5.85 23.03
C TYR B 276 5.20 5.16 23.59
N SER B 277 4.94 3.92 23.15
CA SER B 277 3.84 3.13 23.62
C SER B 277 2.46 3.79 23.46
N LEU B 278 2.24 4.41 22.30
CA LEU B 278 1.04 5.22 22.07
C LEU B 278 -0.09 4.44 21.38
N HIS B 279 0.18 3.25 20.90
CA HIS B 279 -0.72 2.65 19.92
C HIS B 279 -1.42 1.36 20.33
N LYS B 280 -1.49 1.05 21.61
CA LYS B 280 -2.49 0.04 22.05
C LYS B 280 -2.28 -1.46 21.67
N ASN B 281 -1.12 -1.84 21.13
CA ASN B 281 -0.74 -3.26 21.08
C ASN B 281 0.36 -3.48 22.12
N LYS B 282 0.26 -4.54 22.91
CA LYS B 282 1.23 -4.81 23.99
C LYS B 282 2.59 -5.20 23.40
N PRO B 283 3.69 -4.94 24.12
CA PRO B 283 4.95 -5.33 23.50
C PRO B 283 5.07 -6.84 23.23
N ASN B 284 5.83 -7.17 22.17
CA ASN B 284 5.99 -8.52 21.68
C ASN B 284 7.42 -8.97 21.44
N ALA B 285 8.40 -8.06 21.66
CA ALA B 285 9.80 -8.41 21.50
C ALA B 285 10.71 -7.51 22.32
N GLU B 286 11.77 -8.09 22.85
CA GLU B 286 12.91 -7.37 23.42
C GLU B 286 13.80 -6.97 22.23
N ILE B 287 13.92 -5.68 21.98
CA ILE B 287 14.80 -5.15 20.95
CA ILE B 287 14.80 -5.16 20.94
C ILE B 287 16.14 -4.78 21.56
N VAL B 288 17.22 -5.37 21.02
CA VAL B 288 18.56 -5.03 21.51
C VAL B 288 18.92 -3.65 20.95
N LEU B 289 19.36 -2.76 21.85
CA LEU B 289 19.70 -1.38 21.47
C LEU B 289 21.21 -1.10 21.52
N LYS B 290 21.93 -1.84 22.33
CA LYS B 290 23.36 -1.69 22.47
CA LYS B 290 23.37 -1.65 22.53
C LYS B 290 23.95 -3.00 22.96
N ALA B 291 25.07 -3.39 22.31
CA ALA B 291 25.77 -4.62 22.59
C ALA B 291 27.24 -4.37 22.92
N ASP B 292 27.85 -5.35 23.58
CA ASP B 292 29.27 -5.33 23.95
C ASP B 292 30.07 -6.03 22.85
N GLY B 293 30.56 -5.23 21.91
CA GLY B 293 31.29 -5.76 20.75
C GLY B 293 32.60 -6.43 21.19
N GLY B 294 33.24 -5.89 22.22
CA GLY B 294 34.53 -6.50 22.69
C GLY B 294 34.33 -7.93 23.16
N LYS B 295 33.26 -8.15 23.92
CA LYS B 295 32.89 -9.49 24.41
C LYS B 295 32.56 -10.47 23.28
N PHE B 296 31.84 -9.97 22.25
CA PHE B 296 31.55 -10.77 21.05
C PHE B 296 32.87 -11.16 20.31
N LYS B 297 33.75 -10.19 20.14
CA LYS B 297 35.05 -10.41 19.50
C LYS B 297 35.83 -11.49 20.22
N ASN B 298 35.85 -11.45 21.55
CA ASN B 298 36.60 -12.47 22.30
C ASN B 298 36.02 -13.87 22.16
N LEU B 299 34.68 -13.96 22.09
CA LEU B 299 34.03 -15.24 21.87
C LEU B 299 34.40 -15.82 20.51
N LEU B 300 34.33 -14.99 19.49
CA LEU B 300 34.72 -15.36 18.10
C LEU B 300 36.19 -15.78 18.05
N PHE B 301 37.08 -14.93 18.57
CA PHE B 301 38.51 -15.23 18.62
C PHE B 301 38.76 -16.57 19.34
N ASN B 302 38.15 -16.79 20.50
CA ASN B 302 38.28 -18.07 21.18
C ASN B 302 37.88 -19.24 20.29
N SER B 303 36.71 -19.11 19.66
CA SER B 303 36.19 -20.21 18.85
C SER B 303 37.09 -20.53 17.69
N LEU B 304 37.66 -19.53 17.07
CA LEU B 304 38.42 -19.76 15.86
C LEU B 304 39.83 -20.31 16.19
N SER B 305 40.24 -20.16 17.45
CA SER B 305 41.58 -20.56 17.84
C SER B 305 41.63 -22.03 18.31
N GLN B 306 40.48 -22.67 18.54
CA GLN B 306 40.41 -24.15 18.69
C GLN B 306 40.96 -24.84 17.46
N MET C 1 20.66 41.82 6.40
CA MET C 1 19.98 40.81 7.24
C MET C 1 19.26 39.79 6.34
N ARG C 2 19.11 38.58 6.85
CA ARG C 2 18.49 37.52 6.06
C ARG C 2 16.99 37.70 6.16
N LYS C 3 16.29 37.28 5.10
CA LYS C 3 14.85 37.48 5.00
C LYS C 3 14.13 36.13 5.06
N VAL C 4 13.15 36.03 5.94
CA VAL C 4 12.41 34.78 6.08
C VAL C 4 10.89 34.92 6.02
N ILE C 5 10.22 33.82 5.66
CA ILE C 5 8.80 33.58 5.92
C ILE C 5 8.78 32.37 6.88
N VAL C 6 7.96 32.43 7.91
CA VAL C 6 7.69 31.32 8.79
C VAL C 6 6.33 30.70 8.34
N ASP C 7 6.35 29.41 8.00
CA ASP C 7 5.15 28.67 7.57
C ASP C 7 4.77 27.76 8.74
N SER C 8 3.66 28.04 9.38
CA SER C 8 3.40 27.60 10.74
C SER C 8 1.99 27.09 10.95
N ASP C 9 1.87 26.05 11.78
CA ASP C 9 0.58 25.53 12.21
C ASP C 9 0.41 25.93 13.66
N THR C 10 0.19 27.24 13.86
CA THR C 10 0.59 27.87 15.13
C THR C 10 0.02 27.35 16.44
N ALA C 11 0.90 26.76 17.23
CA ALA C 11 0.57 26.34 18.58
C ALA C 11 1.85 26.18 19.38
N THR C 12 1.77 26.33 20.69
CA THR C 12 2.91 26.11 21.60
C THR C 12 4.27 26.56 21.03
N ASP C 13 5.17 25.63 20.73
CA ASP C 13 6.54 25.97 20.31
C ASP C 13 6.63 26.74 18.97
N ASP C 14 5.61 26.65 18.13
CA ASP C 14 5.60 27.45 16.90
C ASP C 14 5.66 28.98 17.27
N THR C 15 5.04 29.35 18.38
CA THR C 15 4.94 30.77 18.79
C THR C 15 6.31 31.29 19.22
N ILE C 16 7.06 30.44 19.91
CA ILE C 16 8.43 30.73 20.30
C ILE C 16 9.30 30.73 19.08
N ALA C 17 9.04 29.83 18.12
CA ALA C 17 9.76 29.87 16.83
C ALA C 17 9.56 31.20 16.08
N ILE C 18 8.34 31.76 16.12
CA ILE C 18 8.07 33.04 15.44
C ILE C 18 8.84 34.17 16.18
N LEU C 19 8.72 34.17 17.51
CA LEU C 19 9.48 35.11 18.38
C LEU C 19 10.95 35.13 18.01
N LEU C 20 11.58 33.97 18.06
CA LEU C 20 12.98 33.85 17.67
C LEU C 20 13.24 34.32 16.24
N ALA C 21 12.35 34.00 15.30
CA ALA C 21 12.51 34.40 13.90
C ALA C 21 12.49 35.94 13.72
N SER C 22 11.64 36.58 14.51
CA SER C 22 11.42 38.02 14.45
C SER C 22 12.66 38.79 14.93
N ARG C 23 13.48 38.16 15.79
CA ARG C 23 14.72 38.77 16.29
C ARG C 23 15.91 38.49 15.38
N PHE C 24 16.02 37.28 14.85
CA PHE C 24 17.22 36.89 14.12
C PHE C 24 17.24 37.35 12.66
N PHE C 25 16.04 37.59 12.11
CA PHE C 25 15.84 37.84 10.68
C PHE C 25 14.90 39.03 10.46
N GLN C 26 14.84 39.45 9.20
CA GLN C 26 13.75 40.29 8.75
C GLN C 26 12.60 39.32 8.42
N LEU C 27 11.59 39.28 9.31
CA LEU C 27 10.41 38.40 9.16
C LEU C 27 9.39 39.01 8.20
N LEU C 28 9.42 38.56 6.95
CA LEU C 28 8.58 39.12 5.89
C LEU C 28 7.14 38.66 5.99
N GLY C 29 6.88 37.61 6.76
CA GLY C 29 5.50 37.24 7.07
C GLY C 29 5.39 35.84 7.66
N VAL C 30 4.22 35.56 8.24
CA VAL C 30 3.87 34.23 8.78
C VAL C 30 2.67 33.67 8.01
N THR C 31 2.85 32.53 7.35
CA THR C 31 1.78 31.83 6.61
C THR C 31 1.20 30.71 7.49
N ILE C 32 -0.10 30.48 7.41
CA ILE C 32 -0.76 29.53 8.30
C ILE C 32 -1.15 28.28 7.49
N VAL C 33 -0.95 27.09 8.11
CA VAL C 33 -1.36 25.80 7.50
C VAL C 33 -2.01 24.90 8.53
N ALA C 34 -2.87 24.00 8.03
CA ALA C 34 -3.48 23.01 8.89
C ALA C 34 -2.42 22.10 9.50
N GLY C 35 -2.71 21.62 10.69
CA GLY C 35 -1.78 20.76 11.44
C GLY C 35 -2.22 20.63 12.89
N ASN C 36 -1.43 21.26 13.76
CA ASN C 36 -1.52 21.11 15.21
C ASN C 36 -2.91 21.18 15.79
N VAL C 37 -3.61 22.30 15.61
CA VAL C 37 -4.91 22.46 16.23
C VAL C 37 -5.88 23.10 15.23
N ASN C 38 -7.11 23.36 15.67
CA ASN C 38 -8.08 23.96 14.78
C ASN C 38 -7.44 25.12 14.07
N TYR C 39 -7.60 25.17 12.74
CA TYR C 39 -7.00 26.18 11.89
C TYR C 39 -7.31 27.65 12.32
N ASN C 40 -8.59 27.96 12.51
CA ASN C 40 -8.96 29.32 12.96
C ASN C 40 -8.24 29.71 14.23
N GLN C 41 -8.04 28.75 15.12
CA GLN C 41 -7.37 28.99 16.37
C GLN C 41 -5.89 29.24 16.10
N GLU C 42 -5.33 28.46 15.18
CA GLU C 42 -3.95 28.67 14.79
C GLU C 42 -3.74 30.10 14.32
N VAL C 43 -4.71 30.61 13.56
CA VAL C 43 -4.61 31.97 12.98
C VAL C 43 -4.65 32.97 14.15
N LYS C 44 -5.59 32.76 15.07
CA LYS C 44 -5.72 33.58 16.31
C LYS C 44 -4.42 33.60 17.11
N ASN C 45 -3.77 32.43 17.22
CA ASN C 45 -2.55 32.28 18.00
C ASN C 45 -1.38 33.02 17.37
N ALA C 46 -1.29 33.02 16.04
CA ALA C 46 -0.22 33.73 15.35
C ALA C 46 -0.35 35.26 15.49
N LEU C 47 -1.57 35.76 15.34
CA LEU C 47 -1.86 37.21 15.43
C LEU C 47 -1.59 37.72 16.84
N PHE C 48 -2.12 37.00 17.83
CA PHE C 48 -1.80 37.30 19.22
C PHE C 48 -0.32 37.30 19.52
N THR C 49 0.40 36.25 19.09
CA THR C 49 1.86 36.17 19.23
C THR C 49 2.60 37.39 18.66
N LEU C 50 2.38 37.70 17.38
CA LEU C 50 3.06 38.86 16.76
C LEU C 50 2.73 40.20 17.45
N GLU C 51 1.51 40.36 17.90
CA GLU C 51 1.08 41.55 18.65
C GLU C 51 1.87 41.62 19.96
N TYR C 52 1.79 40.54 20.75
CA TYR C 52 2.37 40.44 22.09
C TYR C 52 3.85 40.76 22.08
N ILE C 53 4.53 40.35 21.00
CA ILE C 53 5.97 40.40 20.95
C ILE C 53 6.48 41.69 20.29
N GLY C 54 5.57 42.63 20.04
CA GLY C 54 5.93 43.92 19.47
C GLY C 54 6.35 43.84 18.01
N LYS C 55 5.69 42.97 17.24
CA LYS C 55 5.95 42.84 15.81
C LYS C 55 4.63 42.86 15.04
N GLN C 56 3.79 43.85 15.39
CA GLN C 56 2.44 43.99 14.91
C GLN C 56 2.38 44.15 13.39
N ASP C 57 3.47 44.61 12.76
CA ASP C 57 3.43 44.88 11.32
C ASP C 57 3.89 43.71 10.45
N VAL C 58 4.22 42.57 11.07
CA VAL C 58 4.54 41.36 10.28
C VAL C 58 3.17 40.81 9.78
N PRO C 59 3.03 40.64 8.45
CA PRO C 59 1.74 40.18 7.97
C PRO C 59 1.54 38.69 8.24
N VAL C 60 0.30 38.32 8.55
CA VAL C 60 -0.15 36.92 8.59
C VAL C 60 -1.02 36.62 7.35
N TYR C 61 -0.69 35.56 6.59
CA TYR C 61 -1.49 35.15 5.43
C TYR C 61 -2.09 33.77 5.66
N LEU C 62 -3.38 33.64 5.37
CA LEU C 62 -4.10 32.36 5.49
C LEU C 62 -3.72 31.45 4.33
N GLY C 63 -3.25 30.24 4.66
CA GLY C 63 -2.95 29.21 3.65
C GLY C 63 -3.96 28.06 3.72
N SER C 64 -3.57 26.92 3.16
CA SER C 64 -4.47 25.76 3.12
C SER C 64 -4.99 25.35 4.50
N GLN C 65 -6.31 25.17 4.61
CA GLN C 65 -6.93 24.73 5.84
C GLN C 65 -7.04 23.20 5.91
N ARG C 66 -6.33 22.55 5.00
CA ARG C 66 -6.17 21.11 4.96
C ARG C 66 -4.90 20.68 4.21
N PRO C 67 -4.33 19.53 4.58
CA PRO C 67 -3.31 18.98 3.72
C PRO C 67 -3.91 18.60 2.38
N ILE C 68 -3.06 18.30 1.42
CA ILE C 68 -3.48 18.01 0.06
C ILE C 68 -4.61 16.99 -0.01
N LEU C 69 -4.45 15.87 0.69
CA LEU C 69 -5.50 14.84 0.67
C LEU C 69 -6.47 14.92 1.82
N GLY C 70 -6.32 15.90 2.70
CA GLY C 70 -7.31 16.08 3.78
C GLY C 70 -7.34 15.03 4.89
N ASN C 71 -6.26 14.29 5.11
CA ASN C 71 -6.24 13.16 6.06
C ASN C 71 -5.31 13.49 7.20
N TRP C 72 -5.87 13.92 8.33
CA TRP C 72 -5.06 14.23 9.51
C TRP C 72 -5.90 14.30 10.71
N ARG C 73 -5.27 14.45 11.87
CA ARG C 73 -6.00 14.81 13.09
CA ARG C 73 -5.97 14.75 13.12
C ARG C 73 -5.24 15.89 13.85
N THR C 74 -5.95 16.68 14.65
CA THR C 74 -5.28 17.68 15.48
C THR C 74 -4.79 17.04 16.75
N VAL C 75 -3.79 17.65 17.36
CA VAL C 75 -3.16 17.07 18.55
C VAL C 75 -3.31 17.98 19.80
N GLU C 76 -4.55 18.15 20.26
CA GLU C 76 -4.84 18.99 21.41
CA GLU C 76 -4.86 18.99 21.41
C GLU C 76 -4.24 18.44 22.71
N GLU C 77 -3.96 17.14 22.75
CA GLU C 77 -3.35 16.55 23.92
C GLU C 77 -1.93 17.07 24.14
N VAL C 78 -1.27 17.52 23.07
CA VAL C 78 0.10 18.05 23.14
C VAL C 78 0.08 19.57 23.41
N HIS C 79 -0.82 20.27 22.74
CA HIS C 79 -0.78 21.75 22.67
C HIS C 79 -1.84 22.49 23.47
N GLY C 80 -2.80 21.77 24.04
CA GLY C 80 -4.00 22.38 24.60
C GLY C 80 -5.13 22.57 23.59
N SER C 81 -6.36 22.64 24.09
CA SER C 81 -7.55 22.90 23.26
C SER C 81 -7.39 24.08 22.30
N ASN C 82 -6.73 25.14 22.77
CA ASN C 82 -6.48 26.34 21.92
C ASN C 82 -5.08 26.43 21.28
N GLY C 83 -4.28 25.37 21.40
CA GLY C 83 -2.91 25.42 20.95
C GLY C 83 -2.01 26.31 21.80
N MET C 84 -2.53 26.80 22.94
CA MET C 84 -1.78 27.69 23.83
C MET C 84 -1.87 27.22 25.29
N SER C 85 -1.89 25.91 25.48
CA SER C 85 -2.04 25.27 26.80
C SER C 85 -3.21 25.80 27.60
N ASN C 86 -4.29 26.16 26.90
CA ASN C 86 -5.53 26.64 27.50
C ASN C 86 -5.38 27.95 28.24
N TRP C 87 -4.29 28.66 27.97
CA TRP C 87 -4.14 30.03 28.42
C TRP C 87 -5.17 30.86 27.69
N ASN C 88 -6.12 31.38 28.46
CA ASN C 88 -7.24 32.18 27.97
C ASN C 88 -6.77 33.61 27.66
N TYR C 89 -5.98 33.78 26.61
CA TYR C 89 -5.32 35.07 26.36
C TYR C 89 -6.27 36.15 25.81
N PRO C 90 -5.84 37.43 25.90
CA PRO C 90 -6.71 38.50 25.42
C PRO C 90 -6.80 38.51 23.90
N GLU C 91 -8.00 38.67 23.38
CA GLU C 91 -8.25 38.70 21.96
C GLU C 91 -7.35 39.76 21.31
N PRO C 92 -6.58 39.39 20.28
CA PRO C 92 -5.77 40.40 19.60
C PRO C 92 -6.66 41.25 18.69
N ASN C 93 -6.18 42.43 18.29
CA ASN C 93 -6.98 43.22 17.34
C ASN C 93 -6.37 43.24 15.95
N LYS C 94 -5.09 42.87 15.85
CA LYS C 94 -4.47 42.56 14.56
C LYS C 94 -5.31 41.54 13.78
N ARG C 95 -5.39 41.77 12.46
CA ARG C 95 -6.13 40.91 11.53
C ARG C 95 -5.19 40.34 10.50
N PRO C 96 -5.59 39.21 9.86
CA PRO C 96 -4.81 38.69 8.74
C PRO C 96 -4.97 39.53 7.50
N GLU C 97 -4.03 39.37 6.59
CA GLU C 97 -4.09 39.98 5.27
C GLU C 97 -5.06 39.26 4.32
N LYS C 98 -5.33 39.91 3.19
CA LYS C 98 -6.26 39.40 2.19
C LYS C 98 -5.59 38.35 1.33
N GLU C 99 -4.35 38.62 0.91
CA GLU C 99 -3.63 37.76 -0.01
C GLU C 99 -3.52 36.32 0.60
N HIS C 100 -3.80 35.32 -0.23
CA HIS C 100 -3.62 33.91 0.16
C HIS C 100 -2.15 33.59 0.35
N ALA C 101 -1.83 32.70 1.31
CA ALA C 101 -0.43 32.40 1.59
C ALA C 101 0.34 31.94 0.35
N ILE C 102 -0.32 31.22 -0.56
CA ILE C 102 0.31 30.73 -1.79
C ILE C 102 0.71 31.90 -2.67
N ASP C 103 -0.20 32.86 -2.78
CA ASP C 103 0.07 34.02 -3.61
C ASP C 103 1.18 34.87 -2.99
N ALA C 104 1.15 35.01 -1.66
CA ALA C 104 2.16 35.76 -0.90
C ALA C 104 3.55 35.19 -1.03
N ILE C 105 3.65 33.86 -0.95
CA ILE C 105 4.94 33.17 -1.05
C ILE C 105 5.49 33.39 -2.44
N LEU C 106 4.65 33.26 -3.46
CA LEU C 106 5.08 33.45 -4.84
C LEU C 106 5.49 34.93 -5.09
N ARG C 107 4.72 35.86 -4.55
CA ARG C 107 5.04 37.29 -4.70
C ARG C 107 6.34 37.65 -3.96
N LEU C 108 6.44 37.28 -2.69
CA LEU C 108 7.61 37.58 -1.88
C LEU C 108 8.86 36.92 -2.50
N SER C 109 8.69 35.79 -3.19
CA SER C 109 9.82 35.13 -3.88
C SER C 109 10.30 35.88 -5.10
N LYS C 110 9.44 36.73 -5.68
CA LYS C 110 9.90 37.60 -6.77
C LYS C 110 10.54 38.86 -6.20
N GLU C 111 9.87 39.51 -5.26
CA GLU C 111 10.39 40.75 -4.68
C GLU C 111 11.75 40.56 -3.99
N HIS C 112 11.90 39.42 -3.33
CA HIS C 112 13.11 39.11 -2.58
C HIS C 112 13.85 37.95 -3.25
N GLU C 113 13.70 37.81 -4.57
CA GLU C 113 14.37 36.75 -5.33
C GLU C 113 15.81 36.55 -4.92
N GLY C 114 16.20 35.29 -4.68
CA GLY C 114 17.60 34.92 -4.43
C GLY C 114 17.97 35.04 -2.97
N GLU C 115 17.13 35.74 -2.21
CA GLU C 115 17.35 35.93 -0.78
C GLU C 115 16.29 35.30 0.11
N LEU C 116 15.10 34.96 -0.42
CA LEU C 116 14.02 34.49 0.43
C LEU C 116 14.40 33.12 1.03
N GLU C 117 14.26 33.00 2.34
CA GLU C 117 14.37 31.70 3.04
C GLU C 117 13.05 31.35 3.73
N ILE C 118 12.70 30.05 3.75
CA ILE C 118 11.45 29.62 4.35
C ILE C 118 11.80 28.77 5.54
N LEU C 119 11.19 29.07 6.65
CA LEU C 119 11.31 28.30 7.87
C LEU C 119 10.03 27.49 7.95
N ALA C 120 10.11 26.25 7.49
CA ALA C 120 8.92 25.38 7.38
C ALA C 120 8.84 24.54 8.63
N ILE C 121 7.98 24.96 9.57
CA ILE C 121 7.87 24.39 10.94
C ILE C 121 6.44 23.80 11.14
N SER C 122 6.01 23.21 10.04
CA SER C 122 4.65 22.72 9.89
C SER C 122 4.56 21.73 8.68
N PRO C 123 3.40 21.09 8.51
CA PRO C 123 3.19 20.30 7.29
C PRO C 123 3.40 21.18 6.07
N LEU C 124 3.89 20.61 4.98
CA LEU C 124 4.50 21.36 3.91
C LEU C 124 3.56 21.83 2.78
N THR C 125 2.27 21.71 3.06
CA THR C 125 1.19 21.94 2.09
C THR C 125 1.27 23.25 1.32
N ASN C 126 1.48 24.37 2.03
CA ASN C 126 1.56 25.67 1.33
C ASN C 126 2.70 25.74 0.35
N ILE C 127 3.87 25.19 0.72
CA ILE C 127 5.04 25.21 -0.14
C ILE C 127 4.85 24.32 -1.36
N ALA C 128 4.31 23.11 -1.15
CA ALA C 128 4.04 22.18 -2.26
C ALA C 128 3.06 22.79 -3.28
N LEU C 129 2.03 23.48 -2.77
CA LEU C 129 0.96 24.06 -3.62
C LEU C 129 1.51 25.31 -4.36
N ALA C 130 2.31 26.13 -3.68
CA ALA C 130 3.04 27.19 -4.41
C ALA C 130 3.88 26.64 -5.55
N TYR C 131 4.61 25.55 -5.32
CA TYR C 131 5.46 24.96 -6.33
C TYR C 131 4.70 24.38 -7.52
N LEU C 132 3.61 23.69 -7.23
CA LEU C 132 2.76 23.21 -8.31
C LEU C 132 2.14 24.37 -9.10
N LYS C 133 1.71 25.44 -8.43
CA LYS C 133 1.20 26.62 -9.19
C LYS C 133 2.29 27.21 -10.11
N ASP C 134 3.49 27.39 -9.55
CA ASP C 134 4.59 27.99 -10.28
C ASP C 134 5.94 27.36 -9.92
N PRO C 135 6.36 26.33 -10.68
CA PRO C 135 7.60 25.59 -10.42
C PRO C 135 8.88 26.43 -10.48
N SER C 136 8.84 27.61 -11.12
CA SER C 136 10.00 28.47 -11.24
C SER C 136 10.33 29.09 -9.88
N VAL C 137 9.45 28.93 -8.90
CA VAL C 137 9.73 29.35 -7.52
C VAL C 137 11.07 28.77 -7.00
N VAL C 138 11.49 27.60 -7.49
CA VAL C 138 12.73 26.98 -7.03
C VAL C 138 13.98 27.81 -7.40
N LYS C 139 13.96 28.48 -8.55
CA LYS C 139 14.98 29.48 -8.90
C LYS C 139 15.17 30.62 -7.90
N ARG C 140 14.10 31.00 -7.19
CA ARG C 140 14.06 32.26 -6.45
C ARG C 140 14.21 32.12 -4.95
N VAL C 141 13.95 30.90 -4.43
CA VAL C 141 14.03 30.67 -2.99
C VAL C 141 15.46 30.27 -2.67
N LYS C 142 16.07 30.92 -1.68
CA LYS C 142 17.48 30.69 -1.39
C LYS C 142 17.63 29.32 -0.71
N LYS C 143 16.74 29.10 0.26
CA LYS C 143 16.84 27.96 1.19
C LYS C 143 15.52 27.67 1.91
N ILE C 144 15.29 26.38 2.18
CA ILE C 144 14.20 25.98 3.07
C ILE C 144 14.78 25.17 4.26
N TRP C 145 14.44 25.60 5.46
CA TRP C 145 14.78 24.88 6.67
C TRP C 145 13.49 24.17 7.11
N ILE C 146 13.54 22.84 7.15
CA ILE C 146 12.36 21.98 7.41
C ILE C 146 12.52 21.29 8.73
N MET C 147 11.54 21.46 9.60
CA MET C 147 11.37 20.62 10.74
C MET C 147 10.43 19.48 10.32
N GLY C 148 10.94 18.27 10.34
CA GLY C 148 10.10 17.11 10.06
C GLY C 148 10.85 15.82 9.86
N GLY C 149 10.10 14.73 9.77
CA GLY C 149 10.71 13.43 9.62
C GLY C 149 11.24 12.85 10.92
N ALA C 150 11.44 11.53 10.92
CA ALA C 150 12.04 10.80 12.05
C ALA C 150 12.80 9.64 11.40
N PHE C 151 13.89 9.23 12.02
CA PHE C 151 14.62 8.04 11.57
C PHE C 151 13.82 6.79 11.90
N SER C 152 13.41 6.70 13.14
CA SER C 152 12.69 5.54 13.64
C SER C 152 11.65 5.91 14.69
N LYS C 153 11.86 7.00 15.46
CA LYS C 153 11.00 7.30 16.61
CA LYS C 153 11.03 7.31 16.61
C LYS C 153 9.88 8.22 16.18
N GLY C 154 8.91 7.62 15.49
CA GLY C 154 7.73 8.36 15.11
C GLY C 154 7.02 8.85 16.33
N ASN C 155 6.60 10.12 16.32
CA ASN C 155 5.83 10.67 17.45
C ASN C 155 4.31 10.69 17.23
N THR C 156 3.91 10.24 16.06
CA THR C 156 2.51 10.29 15.66
C THR C 156 2.04 8.90 15.25
N THR C 157 2.79 8.25 14.37
CA THR C 157 2.63 6.80 14.20
C THR C 157 3.92 6.16 14.70
N PRO C 158 3.98 4.81 14.72
CA PRO C 158 5.24 4.20 15.16
C PRO C 158 6.45 4.71 14.41
N ILE C 159 6.30 4.95 13.11
CA ILE C 159 7.42 5.39 12.29
C ILE C 159 7.38 6.87 11.90
N ALA C 160 6.19 7.47 11.78
CA ALA C 160 6.04 8.81 11.16
C ALA C 160 5.99 9.97 12.17
N GLU C 161 6.72 11.01 11.82
CA GLU C 161 6.69 12.29 12.53
C GLU C 161 5.51 13.13 12.04
N PHE C 162 5.02 14.05 12.88
CA PHE C 162 3.75 14.71 12.67
C PHE C 162 3.64 15.47 11.37
N ASN C 163 4.60 16.36 11.09
CA ASN C 163 4.51 17.20 9.89
C ASN C 163 4.46 16.39 8.59
N PHE C 164 5.34 15.39 8.50
CA PHE C 164 5.38 14.56 7.32
C PHE C 164 4.12 13.69 7.25
N TRP C 165 3.61 13.25 8.39
CA TRP C 165 2.42 12.40 8.43
C TRP C 165 1.16 13.17 7.99
N VAL C 166 1.03 14.43 8.42
CA VAL C 166 -0.15 15.20 8.05
C VAL C 166 -0.25 15.36 6.54
N ASP C 167 0.87 15.64 5.90
CA ASP C 167 0.93 15.85 4.46
C ASP C 167 2.16 15.25 3.81
N PRO C 168 2.18 13.89 3.71
CA PRO C 168 3.31 13.27 3.03
C PRO C 168 3.37 13.56 1.54
N GLU C 169 2.23 13.73 0.87
CA GLU C 169 2.26 14.17 -0.51
C GLU C 169 3.03 15.53 -0.66
N ALA C 170 2.72 16.49 0.22
CA ALA C 170 3.39 17.82 0.20
C ALA C 170 4.90 17.67 0.45
N ALA C 171 5.25 16.86 1.45
CA ALA C 171 6.66 16.59 1.77
C ALA C 171 7.39 15.99 0.58
N LYS C 172 6.77 15.06 -0.13
CA LYS C 172 7.38 14.46 -1.30
C LYS C 172 7.62 15.46 -2.43
N ILE C 173 6.60 16.28 -2.70
CA ILE C 173 6.67 17.27 -3.75
C ILE C 173 7.81 18.28 -3.45
N VAL C 174 7.88 18.74 -2.20
CA VAL C 174 8.88 19.72 -1.78
C VAL C 174 10.29 19.10 -1.90
N LEU C 175 10.46 17.84 -1.48
CA LEU C 175 11.82 17.23 -1.50
C LEU C 175 12.37 16.97 -2.90
N ASP C 176 11.50 16.79 -3.91
CA ASP C 176 11.92 16.50 -5.27
C ASP C 176 11.81 17.72 -6.17
N ALA C 177 11.43 18.86 -5.61
CA ALA C 177 11.28 20.11 -6.38
C ALA C 177 12.63 20.66 -6.89
N GLY C 178 13.68 20.50 -6.08
CA GLY C 178 15.02 21.05 -6.30
C GLY C 178 15.40 22.27 -5.48
N PHE C 179 14.74 22.52 -4.36
CA PHE C 179 15.15 23.51 -3.38
C PHE C 179 16.47 23.10 -2.67
N ASP C 180 17.08 24.07 -2.00
CA ASP C 180 18.18 23.81 -1.12
C ASP C 180 17.56 23.61 0.27
N ILE C 181 17.58 22.37 0.73
CA ILE C 181 16.89 21.96 1.95
C ILE C 181 17.87 21.44 3.00
N THR C 182 17.68 21.88 4.23
CA THR C 182 18.24 21.20 5.41
C THR C 182 17.06 20.75 6.23
N ILE C 183 17.11 19.47 6.66
CA ILE C 183 16.04 18.89 7.47
C ILE C 183 16.51 18.66 8.92
N VAL C 184 15.71 19.11 9.88
CA VAL C 184 15.91 18.90 11.29
C VAL C 184 14.85 17.88 11.74
N PRO C 185 15.28 16.60 11.90
CA PRO C 185 14.36 15.53 12.26
C PRO C 185 14.06 15.43 13.74
N TRP C 186 12.99 14.70 14.04
CA TRP C 186 12.49 14.61 15.41
C TRP C 186 13.58 14.14 16.38
N GLU C 187 14.38 13.11 16.03
CA GLU C 187 15.35 12.61 17.02
C GLU C 187 16.35 13.71 17.47
N VAL C 188 16.69 14.59 16.54
CA VAL C 188 17.61 15.71 16.82
C VAL C 188 16.93 16.72 17.75
N ALA C 189 15.66 17.00 17.51
CA ALA C 189 14.88 17.86 18.40
C ALA C 189 14.72 17.27 19.79
N GLU C 190 14.47 15.94 19.84
CA GLU C 190 14.24 15.27 21.11
C GLU C 190 15.43 15.45 22.05
N ILE C 191 16.65 15.42 21.51
CA ILE C 191 17.87 15.55 22.30
C ILE C 191 18.25 17.04 22.46
N SER C 192 18.41 17.73 21.34
CA SER C 192 19.00 19.09 21.33
C SER C 192 17.99 20.26 21.49
N GLY C 193 16.69 20.00 21.24
CA GLY C 193 15.62 20.96 21.48
C GLY C 193 14.94 20.77 22.81
N SER C 194 15.61 20.06 23.71
CA SER C 194 15.03 19.69 24.98
C SER C 194 15.32 20.73 26.09
N LEU C 195 14.35 20.97 26.96
CA LEU C 195 14.57 21.77 28.17
C LEU C 195 14.24 20.95 29.42
N ASN C 196 15.14 20.94 30.41
CA ASN C 196 14.88 20.19 31.66
C ASN C 196 14.25 21.08 32.73
N GLU C 197 13.97 20.51 33.91
CA GLU C 197 13.22 21.21 34.95
C GLU C 197 13.96 22.44 35.46
N ARG C 198 15.28 22.36 35.57
CA ARG C 198 16.06 23.52 36.00
C ARG C 198 16.02 24.62 34.95
N ASP C 199 16.09 24.27 33.65
CA ASP C 199 15.92 25.26 32.58
C ASP C 199 14.54 25.94 32.71
N TRP C 200 13.52 25.18 33.10
CA TRP C 200 12.18 25.72 33.33
C TRP C 200 12.10 26.61 34.57
N GLU C 201 12.76 26.19 35.65
CA GLU C 201 12.88 27.03 36.85
C GLU C 201 13.53 28.36 36.46
N TYR C 202 14.62 28.29 35.69
CA TYR C 202 15.37 29.50 35.31
C TYR C 202 14.55 30.48 34.47
N ILE C 203 13.86 29.96 33.45
CA ILE C 203 12.95 30.78 32.63
C ILE C 203 11.80 31.34 33.49
N SER C 204 11.26 30.51 34.38
CA SER C 204 10.15 30.90 35.24
C SER C 204 10.49 32.04 36.20
N LYS C 205 11.75 32.11 36.63
CA LYS C 205 12.14 33.16 37.57
C LYS C 205 12.53 34.42 36.83
N LEU C 206 12.73 34.35 35.52
CA LEU C 206 13.00 35.56 34.73
C LEU C 206 11.92 36.62 34.89
N ASN C 207 10.68 36.19 35.12
CA ASN C 207 9.51 37.09 35.23
C ASN C 207 9.59 38.33 34.29
N THR C 208 9.91 38.08 33.02
CA THR C 208 9.81 39.08 31.95
C THR C 208 8.50 38.86 31.18
N LYS C 209 8.19 39.78 30.27
CA LYS C 209 7.01 39.65 29.43
C LYS C 209 7.11 38.36 28.61
N LEU C 210 8.25 38.21 27.96
CA LEU C 210 8.50 37.06 27.07
C LEU C 210 8.69 35.75 27.83
N SER C 211 9.25 35.77 29.05
CA SER C 211 9.37 34.55 29.85
C SER C 211 7.99 34.08 30.36
N ASN C 212 7.15 35.00 30.82
CA ASN C 212 5.81 34.62 31.20
C ASN C 212 5.00 34.08 30.03
N PHE C 213 5.21 34.66 28.84
CA PHE C 213 4.60 34.15 27.61
C PHE C 213 5.02 32.66 27.42
N PHE C 214 6.32 32.42 27.42
CA PHE C 214 6.86 31.07 27.33
C PHE C 214 6.23 30.06 28.29
N ILE C 215 6.17 30.39 29.59
CA ILE C 215 5.57 29.49 30.60
C ILE C 215 4.10 29.24 30.30
N ASN C 216 3.39 30.30 29.95
CA ASN C 216 1.94 30.25 29.75
C ASN C 216 1.53 29.35 28.56
N VAL C 217 2.15 29.58 27.40
CA VAL C 217 1.72 28.87 26.18
C VAL C 217 2.16 27.40 26.16
N ASN C 218 3.30 27.10 26.80
CA ASN C 218 3.94 25.78 26.69
C ASN C 218 3.70 24.84 27.88
N LYS C 219 2.71 25.14 28.73
CA LYS C 219 2.44 24.31 29.92
C LYS C 219 2.02 22.88 29.54
N THR C 220 1.18 22.77 28.51
CA THR C 220 0.65 21.48 28.06
C THR C 220 1.74 20.67 27.28
N LEU C 221 2.60 21.36 26.53
CA LEU C 221 3.75 20.73 25.86
C LEU C 221 4.71 20.09 26.85
N LYS C 222 4.97 20.77 27.97
CA LYS C 222 5.78 20.21 29.04
C LYS C 222 5.11 19.00 29.72
N GLU C 223 3.81 19.09 30.00
CA GLU C 223 3.08 17.98 30.61
C GLU C 223 3.15 16.75 29.74
N TYR C 224 2.97 16.96 28.43
CA TYR C 224 2.98 15.84 27.46
C TYR C 224 4.37 15.26 27.27
N THR C 225 5.37 16.12 27.16
CA THR C 225 6.75 15.68 27.03
C THR C 225 7.25 14.94 28.27
N THR C 226 6.87 15.42 29.45
CA THR C 226 7.23 14.77 30.70
C THR C 226 6.67 13.34 30.73
N LYS C 227 5.41 13.22 30.35
CA LYS C 227 4.75 11.89 30.27
C LYS C 227 5.53 10.88 29.38
N ASN C 228 5.80 11.26 28.13
CA ASN C 228 6.44 10.38 27.14
C ASN C 228 7.93 10.13 27.30
N GLN C 229 8.64 11.08 27.92
CA GLN C 229 10.07 10.94 28.10
C GLN C 229 10.37 10.36 29.48
N GLY C 230 9.42 10.42 30.39
CA GLY C 230 9.62 9.92 31.74
C GLY C 230 10.59 10.74 32.58
N ILE C 231 10.91 11.95 32.12
CA ILE C 231 11.54 12.95 32.98
C ILE C 231 10.99 14.33 32.63
N SER C 232 10.95 15.20 33.63
CA SER C 232 10.41 16.53 33.50
C SER C 232 11.19 17.28 32.44
N GLY C 233 10.49 17.77 31.44
CA GLY C 233 11.10 18.56 30.40
C GLY C 233 10.06 18.92 29.33
N SER C 234 10.54 19.57 28.27
CA SER C 234 9.70 19.94 27.14
C SER C 234 10.58 19.84 25.90
N ILE C 235 10.00 19.62 24.72
CA ILE C 235 10.79 19.53 23.49
C ILE C 235 10.32 20.58 22.49
N HIS C 236 11.28 21.26 21.86
CA HIS C 236 11.06 22.50 21.11
C HIS C 236 11.64 22.41 19.69
N PRO C 237 11.00 21.60 18.82
CA PRO C 237 11.56 21.32 17.51
C PRO C 237 11.59 22.50 16.53
N ASP C 238 10.57 23.34 16.56
CA ASP C 238 10.49 24.50 15.67
C ASP C 238 11.46 25.62 16.12
N SER C 239 11.49 25.90 17.42
CA SER C 239 12.52 26.82 17.99
C SER C 239 13.94 26.36 17.65
N LEU C 240 14.24 25.06 17.84
CA LEU C 240 15.53 24.52 17.42
C LEU C 240 15.83 24.76 15.94
N THR C 241 14.85 24.50 15.08
CA THR C 241 15.04 24.65 13.64
C THR C 241 15.36 26.10 13.26
N VAL C 242 14.57 27.01 13.80
CA VAL C 242 14.78 28.47 13.60
C VAL C 242 16.19 28.87 14.14
N SER C 243 16.55 28.36 15.32
CA SER C 243 17.90 28.63 15.91
C SER C 243 19.00 28.13 15.01
N ILE C 244 18.81 26.94 14.40
CA ILE C 244 19.81 26.35 13.48
C ILE C 244 19.93 27.14 12.18
N ALA C 245 18.81 27.65 11.69
CA ALA C 245 18.81 28.45 10.46
C ALA C 245 19.69 29.70 10.67
N HIS C 246 19.50 30.32 11.82
CA HIS C 246 20.20 31.53 12.25
C HIS C 246 21.69 31.26 12.48
N ASP C 247 21.97 30.32 13.36
CA ASP C 247 23.33 29.96 13.73
C ASP C 247 23.58 28.53 13.32
N ASN C 248 24.15 28.35 12.11
CA ASN C 248 24.44 27.04 11.53
C ASN C 248 25.46 26.17 12.29
N SER C 249 26.18 26.74 13.25
CA SER C 249 27.12 25.96 14.07
C SER C 249 26.41 25.13 15.15
N ILE C 250 25.12 25.38 15.36
CA ILE C 250 24.29 24.51 16.20
C ILE C 250 24.22 23.09 15.58
N ILE C 251 24.52 22.97 14.28
CA ILE C 251 24.70 21.69 13.61
C ILE C 251 26.12 21.16 13.87
N LEU C 252 26.21 20.06 14.64
CA LEU C 252 27.51 19.42 14.90
C LEU C 252 27.81 18.38 13.85
N ASP C 253 26.79 17.68 13.35
CA ASP C 253 26.97 16.66 12.32
C ASP C 253 25.72 16.53 11.46
N SER C 254 25.93 16.31 10.16
CA SER C 254 24.83 16.20 9.21
C SER C 254 25.33 15.40 8.02
N SER C 255 24.42 14.99 7.14
CA SER C 255 24.76 14.25 5.94
C SER C 255 23.87 14.64 4.74
N LEU C 256 24.47 14.62 3.56
CA LEU C 256 23.75 14.88 2.31
C LEU C 256 23.27 13.55 1.76
N LYS C 257 21.95 13.30 1.86
CA LYS C 257 21.35 12.05 1.38
C LYS C 257 20.11 12.28 0.49
N TYR C 258 19.72 11.20 -0.18
CA TYR C 258 18.43 11.15 -0.85
C TYR C 258 17.38 10.72 0.17
N VAL C 259 16.39 11.61 0.36
CA VAL C 259 15.30 11.49 1.31
C VAL C 259 13.99 11.33 0.49
N ASP C 260 13.22 10.30 0.85
CA ASP C 260 11.97 9.98 0.19
C ASP C 260 10.90 9.96 1.33
N VAL C 261 9.61 10.02 0.98
CA VAL C 261 8.51 9.97 1.96
C VAL C 261 7.47 8.92 1.51
N GLU C 262 7.21 7.94 2.38
CA GLU C 262 6.18 6.93 2.13
C GLU C 262 4.76 7.55 2.19
N LEU C 263 3.98 7.28 1.14
CA LEU C 263 2.62 7.79 1.05
C LEU C 263 1.55 6.77 1.45
N CYS C 264 1.93 5.51 1.64
CA CYS C 264 0.93 4.45 1.73
C CYS C 264 1.07 3.59 2.97
N SER C 265 -0.02 2.89 3.27
CA SER C 265 -0.08 1.80 4.24
C SER C 265 0.23 2.29 5.65
N LYS C 266 0.60 1.37 6.51
CA LYS C 266 0.96 1.65 7.91
C LYS C 266 2.13 2.65 8.09
N SER C 267 3.01 2.71 7.10
CA SER C 267 4.21 3.52 7.12
C SER C 267 4.00 4.93 6.52
N ARG C 268 2.76 5.26 6.16
CA ARG C 268 2.47 6.59 5.63
C ARG C 268 3.11 7.69 6.53
N GLY C 269 3.83 8.60 5.87
CA GLY C 269 4.58 9.66 6.55
C GLY C 269 6.04 9.35 6.84
N ALA C 270 6.45 8.08 6.71
CA ALA C 270 7.83 7.68 7.02
C ALA C 270 8.85 8.39 6.15
N MET C 271 9.95 8.83 6.77
CA MET C 271 11.09 9.38 6.09
C MET C 271 12.09 8.27 5.72
N LEU C 272 12.24 8.00 4.43
CA LEU C 272 13.03 6.89 3.90
C LEU C 272 14.35 7.46 3.35
N ILE C 273 15.48 7.10 3.97
CA ILE C 273 16.80 7.67 3.65
C ILE C 273 17.73 6.62 3.03
N ASP C 274 18.30 6.91 1.86
CA ASP C 274 19.18 5.96 1.20
C ASP C 274 20.56 6.13 1.82
N TRP C 275 20.72 5.59 3.02
CA TRP C 275 21.97 5.79 3.81
C TRP C 275 23.24 5.30 3.13
N TYR C 276 23.16 4.19 2.40
CA TYR C 276 24.31 3.56 1.74
C TYR C 276 24.47 3.91 0.24
N SER C 277 23.68 4.85 -0.25
CA SER C 277 23.70 5.26 -1.68
C SER C 277 23.64 4.09 -2.61
N LEU C 278 22.72 3.16 -2.34
CA LEU C 278 22.68 1.94 -3.08
C LEU C 278 21.65 2.05 -4.19
N HIS C 279 20.82 3.09 -4.18
CA HIS C 279 19.62 3.09 -5.03
C HIS C 279 19.52 4.19 -6.07
N LYS C 280 20.64 4.83 -6.39
CA LYS C 280 20.79 5.57 -7.63
C LYS C 280 19.92 6.84 -7.80
N ASN C 281 19.36 7.36 -6.70
CA ASN C 281 18.74 8.69 -6.70
C ASN C 281 19.75 9.66 -6.13
N LYS C 282 19.79 10.89 -6.65
CA LYS C 282 20.72 11.93 -6.19
C LYS C 282 20.29 12.57 -4.87
N PRO C 283 21.28 12.88 -4.00
CA PRO C 283 20.95 13.56 -2.75
C PRO C 283 20.12 14.84 -2.92
N ASN C 284 19.10 15.00 -2.08
CA ASN C 284 18.18 16.13 -2.19
C ASN C 284 18.02 16.96 -0.93
N ALA C 285 18.72 16.56 0.13
CA ALA C 285 18.69 17.31 1.37
C ALA C 285 19.94 17.03 2.24
N GLU C 286 20.28 18.03 3.03
CA GLU C 286 21.14 17.85 4.23
C GLU C 286 20.29 17.42 5.43
N ILE C 287 20.54 16.22 5.98
CA ILE C 287 19.85 15.78 7.20
C ILE C 287 20.74 16.05 8.40
N VAL C 288 20.25 16.86 9.34
CA VAL C 288 20.93 17.07 10.63
C VAL C 288 20.93 15.76 11.46
N LEU C 289 22.11 15.35 11.90
CA LEU C 289 22.30 14.11 12.67
C LEU C 289 22.62 14.39 14.14
N LYS C 290 23.35 15.48 14.39
CA LYS C 290 23.66 15.92 15.74
C LYS C 290 23.65 17.44 15.81
N ALA C 291 23.13 17.96 16.91
CA ALA C 291 23.08 19.39 17.11
C ALA C 291 23.62 19.78 18.49
N ASP C 292 23.98 21.06 18.61
CA ASP C 292 24.47 21.65 19.86
C ASP C 292 23.37 22.22 20.70
N GLY C 293 22.83 21.42 21.62
CA GLY C 293 21.73 21.84 22.49
C GLY C 293 22.04 22.98 23.45
N GLY C 294 23.26 23.04 23.97
CA GLY C 294 23.63 24.12 24.87
C GLY C 294 23.54 25.48 24.19
N LYS C 295 23.98 25.49 22.97
CA LYS C 295 24.00 26.71 22.18
C LYS C 295 22.58 27.20 21.85
N PHE C 296 21.66 26.25 21.61
CA PHE C 296 20.24 26.58 21.47
C PHE C 296 19.68 27.12 22.79
N LYS C 297 20.02 26.48 23.90
CA LYS C 297 19.44 26.90 25.18
C LYS C 297 19.78 28.39 25.46
N ASN C 298 21.00 28.76 25.12
CA ASN C 298 21.53 30.12 25.35
C ASN C 298 20.96 31.17 24.43
N LEU C 299 20.74 30.82 23.17
CA LEU C 299 19.96 31.68 22.29
C LEU C 299 18.54 31.85 22.84
N LEU C 300 17.93 30.77 23.30
CA LEU C 300 16.56 30.86 23.80
C LEU C 300 16.51 31.72 25.06
N PHE C 301 17.36 31.40 26.03
CA PHE C 301 17.41 32.15 27.31
C PHE C 301 17.61 33.65 27.04
N ASN C 302 18.60 33.95 26.20
CA ASN C 302 18.89 35.32 25.79
C ASN C 302 17.67 36.06 25.23
N SER C 303 16.91 35.40 24.36
CA SER C 303 15.72 36.01 23.74
C SER C 303 14.60 36.25 24.75
N LEU C 304 14.46 35.36 25.72
CA LEU C 304 13.43 35.51 26.76
C LEU C 304 13.86 36.53 27.83
N SER C 305 15.17 36.80 27.90
CA SER C 305 15.76 37.73 28.89
C SER C 305 15.51 39.17 28.51
N GLN C 306 15.83 39.51 27.25
CA GLN C 306 15.52 40.82 26.64
C GLN C 306 14.28 41.46 27.28
N MET D 1 -27.46 29.92 -23.69
CA MET D 1 -26.78 28.64 -23.95
C MET D 1 -26.10 28.22 -22.66
N ARG D 2 -25.97 26.92 -22.46
CA ARG D 2 -25.20 26.40 -21.34
C ARG D 2 -23.73 26.75 -21.57
N LYS D 3 -23.02 26.98 -20.47
CA LYS D 3 -21.68 27.49 -20.55
C LYS D 3 -20.68 26.47 -19.99
N VAL D 4 -19.61 26.21 -20.75
CA VAL D 4 -18.60 25.20 -20.35
C VAL D 4 -17.13 25.62 -20.52
N ILE D 5 -16.29 25.08 -19.65
CA ILE D 5 -14.86 25.00 -19.87
C ILE D 5 -14.56 23.53 -20.20
N VAL D 6 -13.72 23.30 -21.20
CA VAL D 6 -13.19 21.95 -21.47
C VAL D 6 -11.80 21.89 -20.87
N ASP D 7 -11.57 20.88 -20.02
CA ASP D 7 -10.25 20.64 -19.38
C ASP D 7 -9.64 19.41 -20.05
N SER D 8 -8.58 19.58 -20.82
CA SER D 8 -8.15 18.58 -21.81
C SER D 8 -6.60 18.38 -21.90
N ASP D 9 -6.21 17.12 -22.15
CA ASP D 9 -4.81 16.73 -22.40
C ASP D 9 -4.74 16.46 -23.89
N THR D 10 -4.70 17.55 -24.67
CA THR D 10 -5.22 17.53 -26.02
C THR D 10 -4.45 16.66 -27.02
N ALA D 11 -5.12 15.59 -27.43
CA ALA D 11 -4.65 14.65 -28.46
C ALA D 11 -5.90 13.94 -29.01
N THR D 12 -5.78 13.42 -30.23
CA THR D 12 -6.79 12.60 -30.91
C THR D 12 -8.23 12.96 -30.52
N ASP D 13 -8.92 12.11 -29.75
CA ASP D 13 -10.35 12.36 -29.49
C ASP D 13 -10.70 13.62 -28.67
N ASP D 14 -9.78 14.10 -27.84
CA ASP D 14 -10.01 15.37 -27.17
C ASP D 14 -10.31 16.42 -28.22
N THR D 15 -9.70 16.33 -29.43
CA THR D 15 -9.86 17.43 -30.39
C THR D 15 -11.28 17.48 -30.90
N ILE D 16 -11.86 16.28 -31.11
CA ILE D 16 -13.23 16.12 -31.54
C ILE D 16 -14.21 16.52 -30.42
N ALA D 17 -13.86 16.23 -29.17
CA ALA D 17 -14.69 16.63 -28.05
C ALA D 17 -14.75 18.16 -27.92
N ILE D 18 -13.62 18.81 -28.23
CA ILE D 18 -13.56 20.27 -28.22
C ILE D 18 -14.49 20.82 -29.33
N LEU D 19 -14.40 20.22 -30.51
CA LEU D 19 -15.27 20.55 -31.66
C LEU D 19 -16.75 20.44 -31.28
N LEU D 20 -17.14 19.28 -30.76
CA LEU D 20 -18.53 19.06 -30.29
C LEU D 20 -18.97 20.07 -29.24
N ALA D 21 -18.10 20.33 -28.25
CA ALA D 21 -18.38 21.29 -27.20
C ALA D 21 -18.63 22.70 -27.79
N SER D 22 -17.86 23.06 -28.81
CA SER D 22 -17.94 24.40 -29.39
C SER D 22 -19.26 24.59 -30.13
N ARG D 23 -19.85 23.51 -30.63
CA ARG D 23 -21.14 23.55 -31.32
C ARG D 23 -22.31 23.47 -30.35
N PHE D 24 -22.19 22.64 -29.31
CA PHE D 24 -23.30 22.44 -28.37
C PHE D 24 -23.42 23.49 -27.32
N PHE D 25 -22.32 24.12 -26.95
CA PHE D 25 -22.28 24.98 -25.78
C PHE D 25 -21.71 26.36 -26.09
N GLN D 26 -21.88 27.28 -25.16
CA GLN D 26 -21.04 28.50 -25.09
C GLN D 26 -19.70 28.04 -24.48
N LEU D 27 -18.70 27.82 -25.32
CA LEU D 27 -17.38 27.33 -24.84
C LEU D 27 -16.51 28.49 -24.34
N LEU D 28 -16.39 28.64 -23.02
CA LEU D 28 -15.70 29.78 -22.41
C LEU D 28 -14.19 29.67 -22.44
N GLY D 29 -13.67 28.46 -22.59
CA GLY D 29 -12.22 28.24 -22.55
C GLY D 29 -11.85 26.76 -22.62
N VAL D 30 -10.64 26.48 -23.14
CA VAL D 30 -10.02 25.15 -23.05
C VAL D 30 -8.81 25.30 -22.10
N THR D 31 -8.79 24.53 -21.01
CA THR D 31 -7.65 24.45 -20.11
C THR D 31 -6.86 23.18 -20.43
N ILE D 32 -5.54 23.25 -20.29
CA ILE D 32 -4.64 22.17 -20.71
C ILE D 32 -3.99 21.56 -19.46
N VAL D 33 -3.91 20.25 -19.44
CA VAL D 33 -3.30 19.51 -18.34
C VAL D 33 -2.43 18.40 -18.90
N ALA D 34 -1.37 18.05 -18.16
CA ALA D 34 -0.56 16.88 -18.55
C ALA D 34 -1.40 15.59 -18.63
N GLY D 35 -1.03 14.71 -19.55
CA GLY D 35 -1.64 13.40 -19.71
C GLY D 35 -1.15 12.70 -20.95
N ASN D 36 -2.03 12.62 -21.96
CA ASN D 36 -1.86 11.86 -23.18
C ASN D 36 -0.48 11.94 -23.84
N VAL D 37 -0.03 13.17 -24.15
CA VAL D 37 1.27 13.37 -24.86
C VAL D 37 2.08 14.53 -24.24
N ASN D 38 3.27 14.79 -24.76
CA ASN D 38 4.06 15.91 -24.28
C ASN D 38 3.20 17.16 -24.17
N TYR D 39 3.28 17.84 -23.02
CA TYR D 39 2.42 18.97 -22.64
C TYR D 39 2.49 20.08 -23.69
N ASN D 40 3.70 20.41 -24.15
CA ASN D 40 3.78 21.51 -25.12
C ASN D 40 3.13 21.18 -26.45
N GLN D 41 3.18 19.91 -26.84
CA GLN D 41 2.48 19.45 -28.02
C GLN D 41 0.95 19.49 -27.82
N GLU D 42 0.48 19.21 -26.61
CA GLU D 42 -0.96 19.32 -26.31
C GLU D 42 -1.45 20.77 -26.46
N VAL D 43 -0.66 21.72 -25.96
CA VAL D 43 -1.01 23.13 -26.11
C VAL D 43 -1.13 23.47 -27.61
N LYS D 44 -0.14 23.07 -28.42
CA LYS D 44 -0.17 23.26 -29.89
C LYS D 44 -1.40 22.62 -30.55
N ASN D 45 -1.77 21.43 -30.09
CA ASN D 45 -2.95 20.74 -30.62
C ASN D 45 -4.25 21.49 -30.30
N ALA D 46 -4.38 22.05 -29.10
CA ALA D 46 -5.59 22.77 -28.72
C ALA D 46 -5.71 24.08 -29.53
N LEU D 47 -4.57 24.73 -29.73
CA LEU D 47 -4.49 26.00 -30.46
C LEU D 47 -4.87 25.79 -31.92
N PHE D 48 -4.28 24.77 -32.54
CA PHE D 48 -4.61 24.42 -33.91
C PHE D 48 -6.09 24.06 -34.02
N THR D 49 -6.55 23.22 -33.10
CA THR D 49 -7.92 22.74 -33.19
C THR D 49 -8.93 23.90 -33.22
N LEU D 50 -8.85 24.79 -32.23
CA LEU D 50 -9.77 25.91 -32.11
C LEU D 50 -9.70 26.82 -33.35
N GLU D 51 -8.49 27.10 -33.82
CA GLU D 51 -8.32 27.88 -35.05
C GLU D 51 -8.94 27.17 -36.26
N TYR D 52 -8.63 25.89 -36.43
CA TYR D 52 -9.08 25.12 -37.60
C TYR D 52 -10.59 24.97 -37.70
N ILE D 53 -11.29 24.90 -36.56
CA ILE D 53 -12.73 24.64 -36.56
C ILE D 53 -13.51 25.93 -36.50
N GLY D 54 -12.80 27.07 -36.59
CA GLY D 54 -13.42 28.37 -36.70
C GLY D 54 -13.80 28.94 -35.36
N LYS D 55 -13.04 28.59 -34.32
CA LYS D 55 -13.29 29.05 -32.97
C LYS D 55 -12.07 29.79 -32.36
N GLN D 56 -11.44 30.64 -33.20
CA GLN D 56 -10.21 31.36 -32.86
C GLN D 56 -10.26 32.14 -31.58
N ASP D 57 -11.47 32.56 -31.19
CA ASP D 57 -11.63 33.43 -30.04
C ASP D 57 -11.87 32.69 -28.73
N VAL D 58 -11.92 31.35 -28.78
CA VAL D 58 -12.02 30.54 -27.56
C VAL D 58 -10.64 30.59 -26.91
N PRO D 59 -10.52 31.14 -25.69
CA PRO D 59 -9.21 31.24 -25.02
C PRO D 59 -8.63 29.88 -24.56
N VAL D 60 -7.31 29.69 -24.71
CA VAL D 60 -6.60 28.49 -24.21
C VAL D 60 -5.75 28.89 -23.01
N TYR D 61 -5.95 28.20 -21.89
CA TYR D 61 -5.18 28.48 -20.68
C TYR D 61 -4.29 27.30 -20.31
N LEU D 62 -3.02 27.59 -20.05
CA LEU D 62 -2.07 26.56 -19.64
C LEU D 62 -2.31 26.27 -18.16
N GLY D 63 -2.56 24.99 -17.83
CA GLY D 63 -2.61 24.55 -16.44
C GLY D 63 -1.38 23.72 -16.09
N SER D 64 -1.56 22.80 -15.13
CA SER D 64 -0.44 22.00 -14.56
C SER D 64 0.22 21.14 -15.64
N GLN D 65 1.56 21.20 -15.70
CA GLN D 65 2.32 20.40 -16.68
C GLN D 65 2.73 19.02 -16.13
N ARG D 66 2.14 18.71 -14.98
CA ARG D 66 2.27 17.41 -14.29
C ARG D 66 1.06 17.16 -13.39
N PRO D 67 0.74 15.86 -13.14
CA PRO D 67 -0.15 15.49 -12.05
C PRO D 67 0.44 15.93 -10.69
N ILE D 68 -0.40 15.95 -9.65
CA ILE D 68 -0.03 16.40 -8.32
C ILE D 68 1.30 15.71 -7.92
N LEU D 69 1.41 14.39 -8.11
CA LEU D 69 2.61 13.68 -7.70
C LEU D 69 3.65 13.47 -8.82
N GLY D 70 3.34 13.91 -10.03
CA GLY D 70 4.28 13.81 -11.14
C GLY D 70 4.65 12.41 -11.58
N ASN D 71 3.78 11.44 -11.32
CA ASN D 71 3.96 10.05 -11.73
C ASN D 71 3.04 9.66 -12.87
N TRP D 72 3.54 9.71 -14.09
CA TRP D 72 2.78 9.22 -15.24
C TRP D 72 3.68 8.88 -16.40
N ARG D 73 3.09 8.35 -17.46
CA ARG D 73 3.75 8.25 -18.76
C ARG D 73 2.83 8.69 -19.87
N THR D 74 3.41 9.26 -20.93
CA THR D 74 2.63 9.55 -22.12
C THR D 74 2.34 8.28 -22.86
N VAL D 75 1.34 8.34 -23.73
CA VAL D 75 0.89 7.19 -24.49
C VAL D 75 0.84 7.52 -26.00
N GLU D 76 2.01 7.88 -26.51
CA GLU D 76 2.27 8.12 -27.95
C GLU D 76 1.89 6.93 -28.83
N GLU D 77 1.82 5.73 -28.28
CA GLU D 77 1.40 4.59 -29.09
C GLU D 77 -0.11 4.60 -29.42
N VAL D 78 -0.88 5.35 -28.64
CA VAL D 78 -2.32 5.48 -28.91
C VAL D 78 -2.62 6.69 -29.79
N HIS D 79 -1.94 7.81 -29.52
CA HIS D 79 -2.27 9.11 -30.11
C HIS D 79 -1.30 9.61 -31.18
N GLY D 80 -0.16 8.92 -31.35
CA GLY D 80 0.94 9.42 -32.17
C GLY D 80 1.93 10.27 -31.39
N SER D 81 3.16 10.42 -31.91
CA SER D 81 4.16 11.18 -31.15
C SER D 81 3.75 12.62 -30.93
N ASN D 82 3.01 13.22 -31.88
CA ASN D 82 2.49 14.58 -31.68
C ASN D 82 1.05 14.72 -31.14
N GLY D 83 0.42 13.60 -30.76
CA GLY D 83 -0.95 13.62 -30.26
C GLY D 83 -2.00 13.79 -31.35
N MET D 84 -1.56 13.83 -32.61
CA MET D 84 -2.46 14.01 -33.77
C MET D 84 -2.09 13.02 -34.85
N SER D 85 -1.70 11.81 -34.44
CA SER D 85 -1.40 10.71 -35.35
C SER D 85 -0.30 11.03 -36.37
N ASN D 86 0.65 11.87 -35.95
CA ASN D 86 1.82 12.27 -36.76
C ASN D 86 1.48 13.11 -38.00
N TRP D 87 0.30 13.70 -38.01
CA TRP D 87 -0.07 14.68 -39.01
C TRP D 87 0.77 15.92 -38.74
N ASN D 88 1.63 16.23 -39.71
CA ASN D 88 2.51 17.38 -39.62
C ASN D 88 1.70 18.60 -40.04
N TYR D 89 0.77 19.00 -39.17
CA TYR D 89 -0.23 20.00 -39.55
C TYR D 89 0.40 21.39 -39.55
N PRO D 90 -0.20 22.33 -40.31
CA PRO D 90 0.39 23.65 -40.42
C PRO D 90 0.18 24.47 -39.15
N GLU D 91 1.24 25.18 -38.75
CA GLU D 91 1.26 25.89 -37.50
C GLU D 91 0.24 27.03 -37.51
N PRO D 92 -0.59 27.11 -36.46
CA PRO D 92 -1.60 28.16 -36.39
C PRO D 92 -1.04 29.46 -35.88
N ASN D 93 -1.85 30.51 -36.00
CA ASN D 93 -1.50 31.82 -35.54
C ASN D 93 -1.79 31.98 -34.06
N LYS D 94 -2.86 31.34 -33.63
CA LYS D 94 -3.38 31.50 -32.28
C LYS D 94 -2.33 31.12 -31.24
N ARG D 95 -2.25 31.93 -30.18
CA ARG D 95 -1.34 31.68 -29.08
C ARG D 95 -2.16 31.58 -27.79
N PRO D 96 -1.59 30.94 -26.76
CA PRO D 96 -2.33 30.82 -25.52
C PRO D 96 -2.49 32.13 -24.81
N GLU D 97 -3.36 32.17 -23.81
CA GLU D 97 -3.48 33.29 -22.91
C GLU D 97 -2.42 33.25 -21.84
N LYS D 98 -2.20 34.39 -21.18
CA LYS D 98 -1.23 34.48 -20.08
C LYS D 98 -1.72 33.88 -18.78
N GLU D 99 -3.02 33.99 -18.50
CA GLU D 99 -3.62 33.55 -17.26
C GLU D 99 -3.51 32.02 -17.09
N HIS D 100 -3.20 31.60 -15.87
CA HIS D 100 -3.08 30.17 -15.54
C HIS D 100 -4.47 29.55 -15.47
N ALA D 101 -4.60 28.31 -15.95
CA ALA D 101 -5.89 27.61 -15.89
C ALA D 101 -6.52 27.65 -14.51
N ILE D 102 -5.74 27.48 -13.46
CA ILE D 102 -6.33 27.50 -12.13
C ILE D 102 -7.03 28.83 -11.85
N ASP D 103 -6.36 29.92 -12.20
CA ASP D 103 -6.93 31.27 -12.00
C ASP D 103 -8.14 31.52 -12.88
N ALA D 104 -8.09 31.07 -14.12
CA ALA D 104 -9.20 31.22 -15.04
C ALA D 104 -10.42 30.41 -14.61
N ILE D 105 -10.21 29.19 -14.09
CA ILE D 105 -11.34 28.40 -13.60
C ILE D 105 -12.03 29.09 -12.42
N LEU D 106 -11.24 29.58 -11.48
CA LEU D 106 -11.76 30.27 -10.33
C LEU D 106 -12.45 31.59 -10.77
N ARG D 107 -11.81 32.34 -11.67
CA ARG D 107 -12.39 33.58 -12.19
C ARG D 107 -13.72 33.32 -12.90
N LEU D 108 -13.75 32.36 -13.85
CA LEU D 108 -14.97 32.05 -14.58
C LEU D 108 -16.09 31.46 -13.69
N SER D 109 -15.72 30.83 -12.56
CA SER D 109 -16.69 30.33 -11.56
C SER D 109 -17.44 31.47 -10.85
N LYS D 110 -16.80 32.63 -10.73
CA LYS D 110 -17.43 33.85 -10.19
C LYS D 110 -18.24 34.59 -11.26
N GLU D 111 -17.64 34.76 -12.43
CA GLU D 111 -18.24 35.42 -13.61
C GLU D 111 -19.54 34.72 -14.03
N HIS D 112 -19.52 33.37 -14.00
CA HIS D 112 -20.68 32.58 -14.40
C HIS D 112 -21.18 31.71 -13.27
N GLU D 113 -21.16 32.28 -12.07
CA GLU D 113 -21.62 31.62 -10.87
C GLU D 113 -22.95 30.91 -11.06
N GLY D 114 -22.98 29.63 -10.70
CA GLY D 114 -24.21 28.85 -10.78
C GLY D 114 -24.56 28.34 -12.16
N GLU D 115 -23.80 28.71 -13.19
CA GLU D 115 -24.01 28.28 -14.55
C GLU D 115 -22.84 27.49 -15.14
N LEU D 116 -21.65 27.66 -14.58
CA LEU D 116 -20.47 27.08 -15.20
C LEU D 116 -20.53 25.56 -15.06
N GLU D 117 -20.39 24.88 -16.18
CA GLU D 117 -20.16 23.44 -16.20
C GLU D 117 -18.74 23.11 -16.68
N ILE D 118 -18.16 22.03 -16.15
CA ILE D 118 -16.82 21.62 -16.57
C ILE D 118 -16.91 20.28 -17.25
N LEU D 119 -16.34 20.23 -18.44
CA LEU D 119 -16.20 19.02 -19.20
C LEU D 119 -14.78 18.50 -18.94
N ALA D 120 -14.69 17.56 -17.99
CA ALA D 120 -13.41 17.09 -17.47
C ALA D 120 -13.00 15.83 -18.23
N ILE D 121 -12.28 16.01 -19.34
CA ILE D 121 -11.96 14.93 -20.28
C ILE D 121 -10.48 14.55 -20.25
N SER D 122 -9.90 14.62 -19.05
CA SER D 122 -8.47 14.46 -18.85
C SER D 122 -8.24 14.16 -17.35
N PRO D 123 -6.96 13.94 -16.96
CA PRO D 123 -6.65 13.84 -15.52
C PRO D 123 -7.11 15.13 -14.82
N LEU D 124 -7.56 15.00 -13.60
CA LEU D 124 -8.34 16.02 -12.91
C LEU D 124 -7.52 17.06 -12.18
N THR D 125 -6.22 17.11 -12.46
CA THR D 125 -5.25 17.93 -11.72
C THR D 125 -5.65 19.43 -11.56
N ASN D 126 -6.05 20.05 -12.64
CA ASN D 126 -6.38 21.49 -12.59
C ASN D 126 -7.58 21.77 -11.70
N ILE D 127 -8.58 20.86 -11.74
CA ILE D 127 -9.80 21.03 -10.91
C ILE D 127 -9.51 20.83 -9.42
N ALA D 128 -8.77 19.78 -9.10
CA ALA D 128 -8.30 19.57 -7.73
C ALA D 128 -7.51 20.77 -7.19
N LEU D 129 -6.57 21.31 -7.98
CA LEU D 129 -5.70 22.43 -7.51
C LEU D 129 -6.50 23.74 -7.34
N ALA D 130 -7.47 23.96 -8.22
CA ALA D 130 -8.42 25.10 -8.09
C ALA D 130 -9.22 24.97 -6.82
N TYR D 131 -9.71 23.76 -6.53
CA TYR D 131 -10.43 23.51 -5.30
C TYR D 131 -9.62 23.71 -4.05
N LEU D 132 -8.36 23.24 -4.04
CA LEU D 132 -7.49 23.41 -2.85
C LEU D 132 -7.15 24.91 -2.57
N LYS D 133 -6.99 25.67 -3.65
CA LYS D 133 -6.78 27.14 -3.59
C LYS D 133 -7.99 27.86 -3.01
N ASP D 134 -9.16 27.50 -3.51
CA ASP D 134 -10.43 28.09 -3.07
C ASP D 134 -11.59 27.08 -3.06
N PRO D 135 -11.79 26.38 -1.93
CA PRO D 135 -12.85 25.40 -1.66
C PRO D 135 -14.31 25.88 -1.90
N SER D 136 -14.55 27.19 -1.77
CA SER D 136 -15.85 27.76 -2.14
C SER D 136 -16.22 27.62 -3.63
N VAL D 137 -15.27 27.29 -4.50
CA VAL D 137 -15.56 27.04 -5.89
C VAL D 137 -16.70 26.00 -6.10
N VAL D 138 -16.90 25.10 -5.14
CA VAL D 138 -17.96 24.08 -5.19
C VAL D 138 -19.38 24.70 -5.17
N LYS D 139 -19.51 25.79 -4.42
CA LYS D 139 -20.78 26.52 -4.35
C LYS D 139 -21.16 27.12 -5.70
N ARG D 140 -20.17 27.35 -6.56
CA ARG D 140 -20.36 28.12 -7.77
C ARG D 140 -20.40 27.32 -9.06
N VAL D 141 -19.82 26.12 -9.06
CA VAL D 141 -19.83 25.30 -10.24
C VAL D 141 -21.11 24.50 -10.29
N LYS D 142 -21.73 24.50 -11.45
CA LYS D 142 -23.05 23.87 -11.62
C LYS D 142 -22.91 22.35 -11.77
N LYS D 143 -22.02 21.89 -12.62
CA LYS D 143 -21.87 20.47 -12.88
C LYS D 143 -20.47 20.15 -13.41
N ILE D 144 -19.97 18.96 -13.04
CA ILE D 144 -18.78 18.40 -13.71
C ILE D 144 -19.13 17.07 -14.36
N TRP D 145 -18.82 16.99 -15.65
CA TRP D 145 -18.92 15.78 -16.44
C TRP D 145 -17.50 15.19 -16.57
N ILE D 146 -17.29 14.05 -15.93
CA ILE D 146 -15.98 13.41 -15.91
C ILE D 146 -15.93 12.22 -16.82
N MET D 147 -15.00 12.21 -17.77
CA MET D 147 -14.58 10.98 -18.43
C MET D 147 -13.46 10.36 -17.56
N GLY D 148 -13.73 9.18 -17.00
CA GLY D 148 -12.69 8.51 -16.23
C GLY D 148 -13.16 7.27 -15.51
N GLY D 149 -12.22 6.47 -15.05
CA GLY D 149 -12.54 5.28 -14.28
C GLY D 149 -12.85 4.09 -15.16
N ALA D 150 -12.67 2.90 -14.59
CA ALA D 150 -13.16 1.62 -15.20
C ALA D 150 -13.76 0.75 -14.12
N PHE D 151 -14.75 -0.06 -14.48
CA PHE D 151 -15.25 -1.05 -13.52
C PHE D 151 -14.23 -2.16 -13.27
N SER D 152 -13.70 -2.73 -14.34
CA SER D 152 -12.70 -3.81 -14.30
C SER D 152 -11.66 -3.75 -15.43
N LYS D 153 -12.05 -3.23 -16.56
CA LYS D 153 -11.20 -3.29 -17.77
C LYS D 153 -10.33 -2.07 -17.80
N GLY D 154 -9.28 -2.08 -16.99
CA GLY D 154 -8.36 -0.98 -17.03
C GLY D 154 -7.68 -0.95 -18.40
N ASN D 155 -7.54 0.25 -18.95
CA ASN D 155 -6.85 0.40 -20.22
C ASN D 155 -5.39 0.77 -20.10
N THR D 156 -4.92 1.04 -18.87
CA THR D 156 -3.55 1.55 -18.61
C THR D 156 -2.80 0.57 -17.66
N THR D 157 -3.42 0.19 -16.56
CA THR D 157 -3.00 -0.98 -15.76
C THR D 157 -4.14 -2.01 -15.86
N PRO D 158 -3.99 -3.23 -15.26
CA PRO D 158 -5.07 -4.20 -15.37
C PRO D 158 -6.42 -3.65 -14.87
N ILE D 159 -6.39 -2.80 -13.85
CA ILE D 159 -7.64 -2.26 -13.26
C ILE D 159 -7.86 -0.78 -13.55
N ALA D 160 -6.80 0.01 -13.76
CA ALA D 160 -6.93 1.49 -13.83
C ALA D 160 -7.08 2.02 -15.25
N GLU D 161 -8.01 2.98 -15.37
CA GLU D 161 -8.23 3.76 -16.57
C GLU D 161 -7.23 4.94 -16.57
N PHE D 162 -6.83 5.41 -17.76
CA PHE D 162 -5.76 6.43 -17.87
C PHE D 162 -5.91 7.71 -17.01
N ASN D 163 -6.98 8.47 -17.18
CA ASN D 163 -7.15 9.71 -16.44
C ASN D 163 -7.05 9.56 -14.95
N PHE D 164 -7.71 8.54 -14.40
CA PHE D 164 -7.66 8.27 -12.98
C PHE D 164 -6.27 7.80 -12.58
N TRP D 165 -5.63 7.01 -13.42
CA TRP D 165 -4.26 6.56 -13.16
C TRP D 165 -3.22 7.68 -13.15
N VAL D 166 -3.33 8.62 -14.08
CA VAL D 166 -2.39 9.74 -14.14
C VAL D 166 -2.39 10.57 -12.87
N ASP D 167 -3.58 10.95 -12.40
CA ASP D 167 -3.67 11.72 -11.19
C ASP D 167 -4.76 11.23 -10.23
N PRO D 168 -4.48 10.14 -9.50
CA PRO D 168 -5.47 9.57 -8.61
C PRO D 168 -5.74 10.48 -7.44
N GLU D 169 -4.71 11.16 -6.96
CA GLU D 169 -4.90 12.16 -5.92
C GLU D 169 -5.92 13.21 -6.36
N ALA D 170 -5.76 13.77 -7.56
CA ALA D 170 -6.69 14.80 -8.04
C ALA D 170 -8.11 14.24 -8.15
N ALA D 171 -8.24 13.01 -8.65
CA ALA D 171 -9.54 12.35 -8.74
C ALA D 171 -10.25 12.21 -7.39
N LYS D 172 -9.51 11.80 -6.36
CA LYS D 172 -10.01 11.66 -5.00
C LYS D 172 -10.47 13.03 -4.47
N ILE D 173 -9.60 14.01 -4.65
CA ILE D 173 -9.93 15.37 -4.22
C ILE D 173 -11.24 15.86 -4.90
N VAL D 174 -11.34 15.76 -6.21
CA VAL D 174 -12.53 16.21 -6.92
C VAL D 174 -13.81 15.44 -6.45
N LEU D 175 -13.67 14.14 -6.22
CA LEU D 175 -14.84 13.31 -5.88
C LEU D 175 -15.42 13.58 -4.50
N ASP D 176 -14.59 14.05 -3.59
CA ASP D 176 -15.02 14.30 -2.23
C ASP D 176 -15.26 15.78 -1.93
N ALA D 177 -15.10 16.64 -2.93
CA ALA D 177 -15.19 18.12 -2.74
C ALA D 177 -16.63 18.56 -2.49
N GLY D 178 -17.57 17.85 -3.12
CA GLY D 178 -19.01 18.10 -2.98
C GLY D 178 -19.61 18.69 -4.24
N PHE D 179 -18.97 18.50 -5.40
CA PHE D 179 -19.56 18.92 -6.67
C PHE D 179 -20.71 17.97 -7.10
N ASP D 180 -21.48 18.43 -8.06
CA ASP D 180 -22.47 17.60 -8.75
C ASP D 180 -21.75 16.96 -9.95
N ILE D 181 -21.53 15.64 -9.86
CA ILE D 181 -20.69 14.92 -10.82
C ILE D 181 -21.47 13.81 -11.51
N THR D 182 -21.33 13.73 -12.83
CA THR D 182 -21.67 12.51 -13.58
C THR D 182 -20.38 11.97 -14.17
N ILE D 183 -20.13 10.65 -14.01
CA ILE D 183 -18.93 9.98 -14.55
C ILE D 183 -19.30 9.09 -15.71
N VAL D 184 -18.54 9.20 -16.79
CA VAL D 184 -18.66 8.31 -17.92
C VAL D 184 -17.43 7.37 -17.93
N PRO D 185 -17.60 6.12 -17.50
CA PRO D 185 -16.44 5.20 -17.38
C PRO D 185 -16.03 4.54 -18.68
N TRP D 186 -14.82 3.96 -18.67
CA TRP D 186 -14.23 3.34 -19.84
C TRP D 186 -15.10 2.29 -20.53
N GLU D 187 -15.69 1.34 -19.77
CA GLU D 187 -16.49 0.28 -20.42
C GLU D 187 -17.68 0.84 -21.21
N VAL D 188 -18.22 1.96 -20.76
CA VAL D 188 -19.34 2.61 -21.46
C VAL D 188 -18.87 3.25 -22.79
N ALA D 189 -17.73 3.93 -22.73
CA ALA D 189 -17.08 4.45 -23.94
C ALA D 189 -16.72 3.34 -24.93
N GLU D 190 -16.22 2.21 -24.41
CA GLU D 190 -15.76 1.12 -25.23
C GLU D 190 -16.91 0.57 -26.07
N ILE D 191 -18.10 0.48 -25.49
CA ILE D 191 -19.26 0.00 -26.22
C ILE D 191 -19.93 1.14 -27.01
N SER D 192 -20.29 2.21 -26.32
CA SER D 192 -21.17 3.24 -26.88
C SER D 192 -20.46 4.43 -27.50
N GLY D 193 -19.16 4.57 -27.25
CA GLY D 193 -18.30 5.56 -27.93
C GLY D 193 -17.51 4.99 -29.11
N SER D 194 -17.86 3.80 -29.57
CA SER D 194 -17.08 3.13 -30.60
C SER D 194 -17.61 3.43 -31.99
N LEU D 195 -16.70 3.40 -32.96
CA LEU D 195 -17.02 3.54 -34.38
C LEU D 195 -16.46 2.34 -35.09
N ASN D 196 -17.22 1.73 -35.98
CA ASN D 196 -16.75 0.55 -36.71
C ASN D 196 -16.22 0.92 -38.13
N GLU D 197 -15.89 -0.08 -38.93
CA GLU D 197 -15.29 0.18 -40.24
C GLU D 197 -16.24 0.97 -41.15
N ARG D 198 -17.49 0.56 -41.18
CA ARG D 198 -18.51 1.29 -41.96
C ARG D 198 -18.71 2.73 -41.55
N ASP D 199 -18.55 3.03 -40.27
CA ASP D 199 -18.64 4.40 -39.77
C ASP D 199 -17.45 5.19 -40.28
N TRP D 200 -16.29 4.56 -40.33
CA TRP D 200 -15.09 5.23 -40.84
C TRP D 200 -15.18 5.47 -42.35
N GLU D 201 -15.74 4.51 -43.07
CA GLU D 201 -15.98 4.66 -44.54
C GLU D 201 -16.92 5.84 -44.82
N TYR D 202 -17.99 5.93 -44.04
CA TYR D 202 -18.94 7.01 -44.16
C TYR D 202 -18.25 8.36 -43.91
N ILE D 203 -17.52 8.47 -42.79
CA ILE D 203 -16.84 9.70 -42.45
C ILE D 203 -15.84 10.14 -43.53
N SER D 204 -15.01 9.23 -44.05
CA SER D 204 -14.06 9.64 -45.11
C SER D 204 -14.78 10.14 -46.37
N LYS D 205 -15.88 9.51 -46.75
CA LYS D 205 -16.68 9.99 -47.89
C LYS D 205 -17.37 11.35 -47.71
N LEU D 206 -17.59 11.78 -46.47
CA LEU D 206 -18.18 13.11 -46.25
C LEU D 206 -17.36 14.20 -46.92
N ASN D 207 -16.05 14.00 -46.98
CA ASN D 207 -15.10 14.95 -47.53
C ASN D 207 -15.38 16.41 -47.21
N THR D 208 -15.57 16.70 -45.93
CA THR D 208 -15.67 18.07 -45.48
C THR D 208 -14.35 18.47 -44.80
N LYS D 209 -14.20 19.77 -44.53
CA LYS D 209 -13.06 20.26 -43.79
C LYS D 209 -12.95 19.51 -42.43
N LEU D 210 -14.10 19.36 -41.77
CA LEU D 210 -14.15 18.70 -40.46
C LEU D 210 -13.93 17.18 -40.56
N SER D 211 -14.48 16.54 -41.59
CA SER D 211 -14.35 15.09 -41.73
C SER D 211 -12.91 14.70 -42.04
N ASN D 212 -12.21 15.53 -42.83
CA ASN D 212 -10.78 15.31 -43.08
C ASN D 212 -9.92 15.48 -41.81
N PHE D 213 -10.25 16.50 -41.02
CA PHE D 213 -9.62 16.69 -39.70
C PHE D 213 -9.78 15.41 -38.87
N PHE D 214 -10.99 14.87 -38.79
CA PHE D 214 -11.26 13.67 -37.97
C PHE D 214 -10.39 12.48 -38.41
N ILE D 215 -10.46 12.15 -39.71
CA ILE D 215 -9.68 11.05 -40.29
C ILE D 215 -8.16 11.23 -40.05
N ASN D 216 -7.67 12.46 -40.19
CA ASN D 216 -6.26 12.74 -40.04
C ASN D 216 -5.78 12.60 -38.60
N VAL D 217 -6.53 13.22 -37.68
CA VAL D 217 -6.12 13.30 -36.28
C VAL D 217 -6.25 11.94 -35.56
N ASN D 218 -7.19 11.10 -36.00
CA ASN D 218 -7.53 9.88 -35.26
C ASN D 218 -6.98 8.59 -35.90
N LYS D 219 -6.13 8.73 -36.90
CA LYS D 219 -5.59 7.55 -37.57
C LYS D 219 -4.93 6.55 -36.60
N THR D 220 -4.10 7.03 -35.69
CA THR D 220 -3.34 6.15 -34.79
C THR D 220 -4.26 5.56 -33.72
N LEU D 221 -5.23 6.34 -33.28
CA LEU D 221 -6.25 5.86 -32.36
C LEU D 221 -6.98 4.65 -32.98
N LYS D 222 -7.30 4.73 -34.26
CA LYS D 222 -7.93 3.61 -34.93
C LYS D 222 -6.98 2.39 -35.00
N GLU D 223 -5.73 2.63 -35.34
CA GLU D 223 -4.73 1.56 -35.41
C GLU D 223 -4.56 0.82 -34.07
N TYR D 224 -4.47 1.60 -33.00
CA TYR D 224 -4.31 1.07 -31.61
C TYR D 224 -5.56 0.30 -31.13
N THR D 225 -6.73 0.90 -31.35
CA THR D 225 -7.99 0.30 -30.95
C THR D 225 -8.14 -1.01 -31.67
N THR D 226 -7.85 -1.02 -32.97
CA THR D 226 -8.04 -2.20 -33.81
C THR D 226 -7.20 -3.40 -33.35
N LYS D 227 -5.93 -3.17 -33.00
CA LYS D 227 -5.07 -4.25 -32.52
C LYS D 227 -5.52 -4.77 -31.14
N ASN D 228 -5.89 -3.88 -30.24
CA ASN D 228 -6.36 -4.23 -28.86
C ASN D 228 -7.81 -4.75 -28.70
N GLN D 229 -8.69 -4.40 -29.64
CA GLN D 229 -10.10 -4.85 -29.64
C GLN D 229 -10.32 -6.04 -30.58
N GLY D 230 -9.41 -6.21 -31.56
CA GLY D 230 -9.52 -7.29 -32.56
C GLY D 230 -10.55 -7.08 -33.68
N ILE D 231 -11.24 -5.93 -33.68
CA ILE D 231 -12.19 -5.57 -34.75
C ILE D 231 -11.82 -4.16 -35.20
N SER D 232 -11.89 -3.90 -36.50
CA SER D 232 -11.61 -2.55 -36.99
C SER D 232 -12.53 -1.53 -36.32
N GLY D 233 -11.93 -0.45 -35.78
CA GLY D 233 -12.69 0.65 -35.21
C GLY D 233 -11.88 1.56 -34.32
N SER D 234 -12.55 2.52 -33.70
CA SER D 234 -11.93 3.45 -32.77
C SER D 234 -12.86 3.70 -31.59
N ILE D 235 -12.31 4.21 -30.49
CA ILE D 235 -13.09 4.49 -29.30
C ILE D 235 -12.91 5.93 -28.93
N HIS D 236 -14.05 6.60 -28.69
CA HIS D 236 -14.12 8.04 -28.50
C HIS D 236 -14.69 8.43 -27.19
N PRO D 237 -13.94 8.16 -26.09
CA PRO D 237 -14.51 8.45 -24.81
C PRO D 237 -14.83 9.93 -24.53
N ASP D 238 -14.01 10.86 -24.99
CA ASP D 238 -14.20 12.26 -24.63
C ASP D 238 -15.38 12.85 -25.43
N SER D 239 -15.44 12.51 -26.71
CA SER D 239 -16.59 12.92 -27.54
C SER D 239 -17.92 12.34 -27.03
N LEU D 240 -17.93 11.10 -26.56
CA LEU D 240 -19.13 10.59 -25.91
C LEU D 240 -19.50 11.36 -24.67
N THR D 241 -18.54 11.69 -23.81
CA THR D 241 -18.82 12.43 -22.60
C THR D 241 -19.39 13.82 -22.90
N VAL D 242 -18.84 14.51 -23.91
CA VAL D 242 -19.39 15.81 -24.30
C VAL D 242 -20.82 15.67 -24.86
N SER D 243 -21.03 14.66 -25.68
CA SER D 243 -22.37 14.35 -26.23
C SER D 243 -23.37 14.08 -25.12
N ILE D 244 -22.98 13.30 -24.10
CA ILE D 244 -23.84 13.00 -22.94
C ILE D 244 -24.20 14.24 -22.15
N ALA D 245 -23.21 15.12 -21.94
CA ALA D 245 -23.45 16.38 -21.24
C ALA D 245 -24.50 17.18 -22.01
N HIS D 246 -24.38 17.20 -23.33
CA HIS D 246 -25.25 17.99 -24.20
C HIS D 246 -26.66 17.38 -24.23
N ASP D 247 -26.73 16.12 -24.62
CA ASP D 247 -27.97 15.35 -24.68
C ASP D 247 -28.02 14.25 -23.60
N ASN D 248 -28.59 14.56 -22.44
CA ASN D 248 -28.63 13.64 -21.28
C ASN D 248 -29.41 12.34 -21.51
N SER D 249 -30.21 12.32 -22.56
CA SER D 249 -31.00 11.13 -22.90
C SER D 249 -30.10 10.02 -23.44
N ILE D 250 -28.88 10.37 -23.85
CA ILE D 250 -27.85 9.38 -24.26
C ILE D 250 -27.50 8.46 -23.06
N ILE D 251 -27.84 8.87 -21.84
CA ILE D 251 -27.72 8.03 -20.64
C ILE D 251 -28.95 7.14 -20.60
N LEU D 252 -28.74 5.82 -20.76
CA LEU D 252 -29.84 4.86 -20.75
C LEU D 252 -30.04 4.23 -19.42
N ASP D 253 -28.94 4.08 -18.68
CA ASP D 253 -28.99 3.60 -17.30
C ASP D 253 -27.80 4.19 -16.55
N SER D 254 -28.05 4.56 -15.30
CA SER D 254 -27.03 5.10 -14.44
C SER D 254 -27.39 4.80 -12.98
N SER D 255 -26.41 5.01 -12.08
CA SER D 255 -26.63 4.76 -10.67
C SER D 255 -25.91 5.81 -9.82
N LEU D 256 -26.51 6.20 -8.70
CA LEU D 256 -25.95 7.13 -7.76
C LEU D 256 -25.27 6.36 -6.66
N LYS D 257 -23.95 6.45 -6.62
CA LYS D 257 -23.14 5.63 -5.72
C LYS D 257 -22.02 6.45 -5.09
N TYR D 258 -21.47 5.92 -4.03
CA TYR D 258 -20.21 6.43 -3.48
C TYR D 258 -19.01 5.83 -4.26
N VAL D 259 -18.24 6.71 -4.86
CA VAL D 259 -17.11 6.37 -5.68
C VAL D 259 -15.80 6.86 -4.98
N ASP D 260 -14.81 5.96 -4.96
CA ASP D 260 -13.51 6.19 -4.27
C ASP D 260 -12.44 5.89 -5.32
N VAL D 261 -11.18 6.34 -5.06
CA VAL D 261 -10.07 6.12 -6.00
C VAL D 261 -8.89 5.61 -5.16
N GLU D 262 -8.34 4.49 -5.60
CA GLU D 262 -7.18 3.90 -4.93
C GLU D 262 -5.93 4.71 -5.29
N LEU D 263 -5.11 4.99 -4.29
CA LEU D 263 -3.87 5.78 -4.49
C LEU D 263 -2.61 4.92 -4.42
N CYS D 264 -2.75 3.66 -4.01
CA CYS D 264 -1.57 2.88 -3.65
C CYS D 264 -1.52 1.54 -4.33
N SER D 265 -0.31 0.98 -4.34
CA SER D 265 -0.06 -0.40 -4.72
C SER D 265 -0.37 -0.64 -6.22
N LYS D 266 -0.45 -1.90 -6.60
CA LYS D 266 -0.73 -2.31 -7.94
C LYS D 266 -2.06 -1.75 -8.47
N SER D 267 -2.98 -1.50 -7.53
CA SER D 267 -4.32 -1.01 -7.86
C SER D 267 -4.44 0.54 -7.98
N ARG D 268 -3.32 1.26 -7.86
CA ARG D 268 -3.32 2.72 -7.98
C ARG D 268 -4.11 3.17 -9.24
N GLY D 269 -5.06 4.08 -9.02
CA GLY D 269 -5.95 4.61 -10.03
C GLY D 269 -7.29 3.91 -10.18
N ALA D 270 -7.44 2.75 -9.53
CA ALA D 270 -8.69 1.99 -9.54
C ALA D 270 -9.87 2.80 -9.03
N MET D 271 -10.98 2.64 -9.72
CA MET D 271 -12.26 3.21 -9.32
C MET D 271 -13.00 2.22 -8.44
N LEU D 272 -13.24 2.58 -7.20
CA LEU D 272 -13.84 1.68 -6.19
C LEU D 272 -15.24 2.18 -5.87
N ILE D 273 -16.22 1.33 -6.16
CA ILE D 273 -17.63 1.77 -6.08
C ILE D 273 -18.37 0.97 -5.01
N ASP D 274 -19.09 1.65 -4.12
CA ASP D 274 -19.80 0.94 -3.04
C ASP D 274 -21.16 0.51 -3.60
N TRP D 275 -21.14 -0.56 -4.41
CA TRP D 275 -22.33 -0.96 -5.17
C TRP D 275 -23.49 -1.32 -4.25
N TYR D 276 -23.19 -1.96 -3.14
CA TYR D 276 -24.24 -2.47 -2.22
C TYR D 276 -24.59 -1.52 -1.06
N SER D 277 -24.02 -0.31 -1.07
CA SER D 277 -24.25 0.66 0.01
C SER D 277 -23.98 0.06 1.37
N LEU D 278 -22.84 -0.62 1.51
CA LEU D 278 -22.49 -1.33 2.75
C LEU D 278 -21.54 -0.48 3.61
N HIS D 279 -20.96 0.57 3.05
CA HIS D 279 -19.87 1.19 3.72
C HIS D 279 -20.10 2.63 4.18
N LYS D 280 -21.33 3.11 4.16
CA LYS D 280 -21.64 4.29 5.02
C LYS D 280 -20.98 5.63 4.62
N ASN D 281 -20.57 5.76 3.38
CA ASN D 281 -20.29 7.07 2.80
C ASN D 281 -21.47 7.34 1.90
N LYS D 282 -21.93 8.58 1.89
CA LYS D 282 -23.06 9.01 1.05
C LYS D 282 -22.64 9.08 -0.40
N PRO D 283 -23.58 8.88 -1.33
CA PRO D 283 -23.20 8.89 -2.75
C PRO D 283 -22.68 10.24 -3.25
N ASN D 284 -21.67 10.21 -4.12
CA ASN D 284 -21.00 11.41 -4.59
C ASN D 284 -20.90 11.55 -6.09
N ALA D 285 -21.44 10.58 -6.86
CA ALA D 285 -21.45 10.67 -8.30
C ALA D 285 -22.54 9.83 -8.94
N GLU D 286 -23.05 10.34 -10.05
CA GLU D 286 -23.84 9.55 -10.96
C GLU D 286 -22.87 8.82 -11.86
N ILE D 287 -22.94 7.48 -11.84
CA ILE D 287 -22.10 6.65 -12.70
CA ILE D 287 -22.11 6.62 -12.69
C ILE D 287 -22.96 6.10 -13.83
N VAL D 288 -22.60 6.44 -15.07
CA VAL D 288 -23.26 5.98 -16.25
C VAL D 288 -22.96 4.45 -16.43
N LEU D 289 -23.99 3.66 -16.66
CA LEU D 289 -23.83 2.21 -16.85
C LEU D 289 -24.14 1.76 -18.29
N LYS D 290 -25.06 2.45 -18.97
CA LYS D 290 -25.39 2.15 -20.37
C LYS D 290 -25.67 3.45 -21.13
N ALA D 291 -25.14 3.55 -22.34
CA ALA D 291 -25.36 4.73 -23.15
C ALA D 291 -25.96 4.34 -24.51
N ASP D 292 -26.48 5.35 -25.20
CA ASP D 292 -27.13 5.19 -26.51
C ASP D 292 -26.11 5.53 -27.60
N GLY D 293 -25.41 4.49 -28.07
CA GLY D 293 -24.35 4.69 -29.06
C GLY D 293 -24.87 5.21 -30.38
N GLY D 294 -26.06 4.75 -30.78
CA GLY D 294 -26.74 5.27 -31.98
C GLY D 294 -26.94 6.77 -31.96
N LYS D 295 -27.45 7.29 -30.85
CA LYS D 295 -27.60 8.73 -30.72
C LYS D 295 -26.29 9.47 -30.72
N PHE D 296 -25.26 8.86 -30.12
CA PHE D 296 -23.95 9.44 -30.12
C PHE D 296 -23.42 9.56 -31.54
N LYS D 297 -23.53 8.48 -32.32
CA LYS D 297 -22.96 8.45 -33.66
C LYS D 297 -23.60 9.55 -34.52
N ASN D 298 -24.89 9.83 -34.30
CA ASN D 298 -25.54 10.87 -35.10
C ASN D 298 -25.12 12.28 -34.74
N LEU D 299 -24.92 12.56 -33.44
CA LEU D 299 -24.37 13.87 -33.08
C LEU D 299 -23.00 14.07 -33.74
N LEU D 300 -22.21 12.99 -33.77
CA LEU D 300 -20.86 13.05 -34.34
C LEU D 300 -20.93 13.27 -35.84
N PHE D 301 -21.68 12.40 -36.50
CA PHE D 301 -21.87 12.53 -37.94
C PHE D 301 -22.38 13.93 -38.31
N ASN D 302 -23.33 14.49 -37.56
CA ASN D 302 -23.83 15.85 -37.85
C ASN D 302 -22.78 16.91 -37.69
N SER D 303 -21.92 16.72 -36.70
CA SER D 303 -20.81 17.63 -36.49
C SER D 303 -19.82 17.61 -37.65
N LEU D 304 -19.59 16.43 -38.22
CA LEU D 304 -18.60 16.25 -39.27
C LEU D 304 -19.13 16.55 -40.69
N SER D 305 -20.43 16.34 -40.89
CA SER D 305 -21.08 16.45 -42.21
C SER D 305 -21.38 17.89 -42.59
N GLN D 306 -21.19 18.85 -41.69
CA GLN D 306 -21.43 20.24 -42.06
C GLN D 306 -20.30 20.82 -42.94
#